data_3C4Q
#
_entry.id   3C4Q
#
_cell.length_a   224.245
_cell.length_b   224.245
_cell.length_c   125.112
_cell.angle_alpha   90.00
_cell.angle_beta   90.00
_cell.angle_gamma   90.00
#
_symmetry.space_group_name_H-M   'I 4 2 2'
#
loop_
_entity.id
_entity.type
_entity.pdbx_description
1 polymer 'Predicted glycosyltransferases'
2 non-polymer 'MAGNESIUM ION'
3 non-polymer 'SULFATE ION'
4 non-polymer "URIDINE-5'-DIPHOSPHATE"
5 water water
#
_entity_poly.entity_id   1
_entity_poly.type   'polypeptide(L)'
_entity_poly.pdbx_seq_one_letter_code
;MRVAMISMHTSPLQQPGTGDSGGMNVYILSTATELAKQGIEVDIYTRATRPSQGEIVRVAENLRVINIAAGPYEGLSKEE
LPTQLAAFTGGMLSFTRREKVTYDLIHSHYWLSGQVGWLLRDLWRIPLIHTAHTLAAVKNSYRDDSDTPESEARRICEQQ
LVDNADVLAVNTQEEMQDLMHHYDADPDRISVVSPGADVELYSPGNDRATERSRRELGIPLHTKVVAFVGRLQPFKGPQV
LIKAVAALFDRDPDRNLRVIICGGPSGPNATPDTYRHMAEELGVEKRIRFLDPRPPSELVAVYRAADIVAVPSFNESFGL
VAMEAQASGTPVIAARVGGLPIAVAEGETGLLVDGHSPHAWADALATLLDDDETRIRMGEDAVEHARTFSWAATAAQLSS
LYNDAIANENVDGETHHGLEHHHHHH
;
_entity_poly.pdbx_strand_id   A,B
#
# COMPACT_ATOMS: atom_id res chain seq x y z
N MET A 1 -13.87 -17.36 28.57
CA MET A 1 -12.50 -16.82 28.65
C MET A 1 -12.28 -15.67 27.67
N ARG A 2 -11.96 -14.48 28.20
CA ARG A 2 -11.49 -13.36 27.38
C ARG A 2 -9.98 -13.15 27.57
N VAL A 3 -9.25 -13.15 26.47
CA VAL A 3 -7.82 -12.90 26.48
C VAL A 3 -7.60 -11.54 25.86
N ALA A 4 -6.73 -10.75 26.47
CA ALA A 4 -6.19 -9.58 25.82
C ALA A 4 -4.83 -9.94 25.26
N MET A 5 -4.69 -9.88 23.94
CA MET A 5 -3.40 -10.00 23.31
C MET A 5 -2.86 -8.60 23.14
N ILE A 6 -1.57 -8.42 23.41
CA ILE A 6 -0.97 -7.13 23.24
C ILE A 6 0.02 -7.18 22.09
N SER A 7 -0.13 -6.28 21.12
CA SER A 7 0.82 -6.17 20.03
C SER A 7 1.09 -4.68 19.73
N MET A 8 1.92 -4.10 20.57
CA MET A 8 1.98 -2.65 20.61
C MET A 8 2.45 -2.00 19.31
N HIS A 9 3.53 -2.49 18.74
CA HIS A 9 4.24 -1.68 17.77
C HIS A 9 3.87 -2.01 16.34
N THR A 10 3.03 -3.03 16.17
CA THR A 10 2.60 -3.42 14.85
C THR A 10 1.28 -4.19 14.97
N SER A 11 0.36 -3.92 14.04
CA SER A 11 -1.01 -4.35 14.13
C SER A 11 -1.25 -5.57 13.27
N PRO A 12 -2.11 -6.48 13.76
CA PRO A 12 -2.36 -7.70 12.99
C PRO A 12 -3.05 -7.41 11.66
N LEU A 13 -3.52 -6.19 11.49
CA LEU A 13 -4.26 -5.81 10.31
C LEU A 13 -3.35 -5.18 9.24
N GLN A 14 -2.07 -4.98 9.56
CA GLN A 14 -1.05 -4.48 8.63
C GLN A 14 -0.63 -5.49 7.56
N GLN A 15 -0.59 -5.10 6.29
CA GLN A 15 -0.01 -5.99 5.27
C GLN A 15 1.43 -6.47 5.61
N PRO A 16 1.62 -7.77 5.90
CA PRO A 16 2.99 -8.26 6.12
C PRO A 16 3.73 -8.49 4.79
N GLY A 17 5.06 -8.45 4.70
CA GLY A 17 5.93 -7.42 5.21
C GLY A 17 6.43 -6.87 3.87
N THR A 18 6.21 -5.62 3.50
CA THR A 18 6.44 -4.37 4.19
C THR A 18 6.42 -4.11 5.64
N GLY A 19 7.01 -2.94 5.96
CA GLY A 19 6.77 -2.21 7.17
C GLY A 19 7.51 -2.87 8.30
N ASP A 20 6.88 -2.85 9.47
CA ASP A 20 7.31 -3.64 10.58
C ASP A 20 6.42 -4.91 10.63
N SER A 21 5.64 -5.16 9.58
CA SER A 21 4.73 -6.28 9.57
C SER A 21 5.31 -7.58 8.93
N GLY A 22 5.39 -8.65 9.69
CA GLY A 22 5.85 -9.94 9.13
C GLY A 22 5.22 -11.15 9.76
N GLY A 23 6.04 -12.16 10.06
CA GLY A 23 5.56 -13.44 10.55
C GLY A 23 4.86 -13.27 11.88
N MET A 24 5.31 -12.33 12.68
CA MET A 24 4.75 -12.14 14.00
C MET A 24 3.30 -11.68 13.92
N ASN A 25 3.04 -10.76 12.98
CA ASN A 25 1.70 -10.27 12.74
C ASN A 25 0.81 -11.43 12.35
N VAL A 26 1.20 -12.16 11.30
CA VAL A 26 0.36 -13.28 10.89
C VAL A 26 0.27 -14.41 11.93
N TYR A 27 1.32 -14.59 12.73
CA TYR A 27 1.24 -15.47 13.89
C TYR A 27 0.09 -15.01 14.82
N ILE A 28 0.15 -13.76 15.27
CA ILE A 28 -0.88 -13.19 16.13
C ILE A 28 -2.30 -13.25 15.51
N LEU A 29 -2.47 -12.92 14.23
CA LEU A 29 -3.82 -12.91 13.68
C LEU A 29 -4.37 -14.33 13.50
N SER A 30 -3.54 -15.23 12.96
CA SER A 30 -3.91 -16.61 12.77
C SER A 30 -4.21 -17.31 14.10
N THR A 31 -3.38 -17.11 15.12
CA THR A 31 -3.67 -17.82 16.37
C THR A 31 -4.96 -17.25 16.90
N ALA A 32 -5.07 -15.93 16.86
CA ALA A 32 -6.26 -15.26 17.40
C ALA A 32 -7.55 -15.76 16.74
N THR A 33 -7.51 -16.02 15.44
CA THR A 33 -8.71 -16.38 14.70
C THR A 33 -9.17 -17.78 15.11
N GLU A 34 -8.19 -18.65 15.36
CA GLU A 34 -8.45 -20.02 15.69
C GLU A 34 -8.92 -20.11 17.12
N LEU A 35 -8.38 -19.25 17.96
CA LEU A 35 -8.84 -19.15 19.33
C LEU A 35 -10.28 -18.72 19.35
N ALA A 36 -10.64 -17.86 18.42
CA ALA A 36 -11.99 -17.32 18.43
C ALA A 36 -12.99 -18.36 17.93
N LYS A 37 -12.55 -19.23 17.02
CA LYS A 37 -13.41 -20.28 16.49
C LYS A 37 -13.71 -21.27 17.60
N GLN A 38 -12.72 -21.47 18.47
CA GLN A 38 -12.77 -22.44 19.58
C GLN A 38 -13.53 -21.87 20.77
N GLY A 39 -14.28 -20.80 20.55
CA GLY A 39 -15.08 -20.20 21.61
C GLY A 39 -14.38 -19.22 22.55
N ILE A 40 -13.09 -18.99 22.35
CA ILE A 40 -12.33 -18.08 23.22
C ILE A 40 -12.36 -16.65 22.69
N GLU A 41 -12.68 -15.68 23.54
CA GLU A 41 -12.73 -14.28 23.10
C GLU A 41 -11.37 -13.59 23.15
N VAL A 42 -10.96 -13.04 22.00
CA VAL A 42 -9.69 -12.35 21.91
C VAL A 42 -9.87 -10.89 21.51
N ASP A 43 -9.21 -10.02 22.26
CA ASP A 43 -9.05 -8.62 21.91
C ASP A 43 -7.56 -8.40 21.71
N ILE A 44 -7.15 -8.06 20.48
CA ILE A 44 -5.74 -7.77 20.21
C ILE A 44 -5.51 -6.26 20.27
N TYR A 45 -4.68 -5.83 21.21
CA TYR A 45 -4.47 -4.38 21.42
C TYR A 45 -3.30 -3.95 20.63
N THR A 46 -3.47 -2.91 19.85
CA THR A 46 -2.36 -2.38 19.11
C THR A 46 -2.41 -0.85 19.10
N ARG A 47 -1.26 -0.21 18.90
CA ARG A 47 -1.20 1.24 18.73
C ARG A 47 -1.92 1.75 17.49
N ALA A 48 -2.78 2.74 17.65
CA ALA A 48 -3.56 3.28 16.53
C ALA A 48 -2.67 3.96 15.51
N THR A 49 -2.80 3.61 14.23
CA THR A 49 -1.93 4.24 13.22
C THR A 49 -2.72 4.65 12.02
N ARG A 50 -3.91 4.11 11.84
CA ARG A 50 -4.73 4.40 10.67
C ARG A 50 -6.15 4.78 11.13
N PRO A 51 -6.37 6.08 11.44
CA PRO A 51 -7.62 6.52 12.08
C PRO A 51 -8.88 6.17 11.31
N SER A 52 -8.80 5.95 10.00
CA SER A 52 -9.99 5.52 9.26
C SER A 52 -10.54 4.16 9.76
N GLN A 53 -9.72 3.40 10.49
CA GLN A 53 -10.11 2.08 11.01
C GLN A 53 -11.01 2.16 12.22
N GLY A 54 -10.97 3.28 12.95
CA GLY A 54 -11.78 3.43 14.15
C GLY A 54 -11.12 2.78 15.35
N GLU A 55 -11.71 2.94 16.52
CA GLU A 55 -11.15 2.36 17.73
C GLU A 55 -11.25 0.83 17.78
N ILE A 56 -12.41 0.27 17.50
CA ILE A 56 -12.63 -1.17 17.64
C ILE A 56 -12.92 -1.77 16.28
N VAL A 57 -12.13 -2.76 15.86
CA VAL A 57 -12.41 -3.44 14.61
C VAL A 57 -12.90 -4.83 14.93
N ARG A 58 -14.13 -5.11 14.53
CA ARG A 58 -14.77 -6.42 14.65
C ARG A 58 -14.23 -7.29 13.53
N VAL A 59 -13.29 -8.17 13.80
CA VAL A 59 -12.68 -9.00 12.75
C VAL A 59 -13.53 -10.22 12.40
N ALA A 60 -14.09 -10.85 13.42
CA ALA A 60 -14.93 -12.05 13.26
C ALA A 60 -15.51 -12.33 14.63
N GLU A 61 -16.43 -13.29 14.73
CA GLU A 61 -17.07 -13.55 16.01
C GLU A 61 -15.98 -13.81 17.06
N ASN A 62 -16.11 -13.17 18.22
CA ASN A 62 -15.13 -13.33 19.31
C ASN A 62 -13.73 -12.70 19.07
N LEU A 63 -13.52 -12.13 17.88
CA LEU A 63 -12.24 -11.50 17.53
C LEU A 63 -12.36 -10.01 17.24
N ARG A 64 -11.65 -9.21 18.05
CA ARG A 64 -11.55 -7.76 17.86
C ARG A 64 -10.10 -7.28 17.95
N VAL A 65 -9.77 -6.31 17.10
CA VAL A 65 -8.53 -5.57 17.25
C VAL A 65 -8.93 -4.25 17.90
N ILE A 66 -8.16 -3.80 18.88
CA ILE A 66 -8.41 -2.48 19.50
C ILE A 66 -7.28 -1.49 19.15
N ASN A 67 -7.60 -0.46 18.36
CA ASN A 67 -6.58 0.54 18.05
C ASN A 67 -6.55 1.56 19.19
N ILE A 68 -5.46 1.55 19.97
CA ILE A 68 -5.30 2.46 21.11
C ILE A 68 -4.48 3.67 20.69
N ALA A 69 -5.03 4.85 20.86
CA ALA A 69 -4.30 6.08 20.54
C ALA A 69 -3.14 6.31 21.52
N ALA A 70 -1.93 6.50 21.01
CA ALA A 70 -0.80 6.78 21.87
C ALA A 70 0.33 7.37 21.06
N GLY A 71 0.43 8.69 21.04
CA GLY A 71 1.39 9.36 20.17
C GLY A 71 0.79 9.48 18.79
N PRO A 72 1.41 10.28 17.88
CA PRO A 72 0.90 10.53 16.53
C PRO A 72 0.66 9.26 15.74
N TYR A 73 -0.30 9.32 14.82
CA TYR A 73 -0.53 8.23 13.88
C TYR A 73 0.66 8.04 12.99
N GLU A 74 1.55 9.03 12.94
CA GLU A 74 2.84 8.76 12.35
C GLU A 74 3.98 9.70 12.62
N GLY A 75 5.18 9.14 12.47
CA GLY A 75 6.42 9.85 12.59
C GLY A 75 7.18 9.26 13.75
N LEU A 76 6.82 8.02 14.13
CA LEU A 76 7.35 7.34 15.29
C LEU A 76 7.81 5.97 14.86
N SER A 77 9.10 5.82 14.62
CA SER A 77 9.64 4.52 14.22
C SER A 77 9.72 3.62 15.44
N LYS A 78 9.83 2.32 15.21
CA LYS A 78 9.94 1.30 16.26
C LYS A 78 10.93 1.69 17.35
N GLU A 79 12.13 2.14 16.98
CA GLU A 79 13.15 2.54 17.94
C GLU A 79 12.67 3.61 18.94
N GLU A 80 11.73 4.47 18.56
CA GLU A 80 11.28 5.50 19.51
C GLU A 80 10.07 5.07 20.35
N LEU A 81 9.39 4.02 19.92
CA LEU A 81 8.16 3.61 20.58
C LEU A 81 8.26 3.32 22.08
N PRO A 82 9.44 2.96 22.61
CA PRO A 82 9.53 2.95 24.08
C PRO A 82 8.96 4.22 24.76
N THR A 83 9.21 5.38 24.19
CA THR A 83 8.67 6.62 24.78
C THR A 83 7.12 6.57 24.93
N GLN A 84 6.45 5.75 24.14
CA GLN A 84 5.02 5.62 24.34
C GLN A 84 4.56 4.46 25.26
N LEU A 85 5.49 3.80 25.97
CA LEU A 85 5.08 2.68 26.84
C LEU A 85 4.00 3.00 27.89
N ALA A 86 4.18 4.10 28.61
CA ALA A 86 3.25 4.46 29.67
C ALA A 86 1.93 4.90 29.04
N ALA A 87 2.00 5.70 27.95
CA ALA A 87 0.80 6.21 27.27
C ALA A 87 -0.01 5.11 26.66
N PHE A 88 0.64 4.17 25.98
CA PHE A 88 -0.11 3.05 25.43
C PHE A 88 -0.75 2.21 26.54
N THR A 89 -0.02 1.98 27.63
CA THR A 89 -0.65 1.26 28.74
C THR A 89 -1.89 2.01 29.21
N GLY A 90 -1.73 3.32 29.46
CA GLY A 90 -2.82 4.20 29.91
C GLY A 90 -3.98 4.19 28.92
N GLY A 91 -3.66 4.14 27.64
CA GLY A 91 -4.68 3.99 26.62
C GLY A 91 -5.51 2.74 26.90
N MET A 92 -4.84 1.61 27.12
CA MET A 92 -5.57 0.38 27.40
C MET A 92 -6.35 0.52 28.69
N LEU A 93 -5.76 1.12 29.74
CA LEU A 93 -6.51 1.34 30.97
C LEU A 93 -7.79 2.12 30.73
N SER A 94 -7.76 3.25 30.00
CA SER A 94 -9.00 3.97 29.70
C SER A 94 -9.97 3.11 28.96
N PHE A 95 -9.49 2.46 27.88
CA PHE A 95 -10.40 1.76 27.02
C PHE A 95 -11.19 0.72 27.85
N THR A 96 -10.47 -0.06 28.65
CA THR A 96 -11.09 -1.13 29.41
C THR A 96 -12.02 -0.59 30.48
N ARG A 97 -11.67 0.56 31.02
CA ARG A 97 -12.49 1.18 32.04
C ARG A 97 -13.80 1.67 31.40
N ARG A 98 -13.65 2.36 30.27
CA ARG A 98 -14.72 2.97 29.51
C ARG A 98 -15.69 1.91 29.02
N GLU A 99 -15.14 0.84 28.45
CA GLU A 99 -15.94 -0.27 27.90
C GLU A 99 -16.33 -1.33 28.93
N LYS A 100 -15.88 -1.14 30.18
CA LYS A 100 -16.21 -2.06 31.28
C LYS A 100 -15.92 -3.51 30.92
N VAL A 101 -14.73 -3.78 30.39
CA VAL A 101 -14.36 -5.10 29.91
C VAL A 101 -13.26 -5.72 30.76
N THR A 102 -13.42 -6.98 31.13
CA THR A 102 -12.49 -7.65 32.05
C THR A 102 -11.81 -8.83 31.36
N TYR A 103 -10.53 -9.07 31.64
CA TYR A 103 -9.82 -10.22 31.01
C TYR A 103 -9.44 -11.34 31.99
N ASP A 104 -9.34 -12.57 31.49
CA ASP A 104 -8.88 -13.68 32.32
C ASP A 104 -7.39 -13.83 32.32
N LEU A 105 -6.76 -13.37 31.25
CA LEU A 105 -5.35 -13.62 31.00
C LEU A 105 -4.84 -12.61 29.94
N ILE A 106 -3.54 -12.28 29.97
CA ILE A 106 -2.93 -11.44 28.94
C ILE A 106 -1.89 -12.25 28.20
N HIS A 107 -1.81 -12.10 26.89
CA HIS A 107 -0.76 -12.74 26.11
C HIS A 107 -0.04 -11.67 25.30
N SER A 108 1.20 -11.38 25.68
CA SER A 108 1.90 -10.28 25.07
C SER A 108 2.84 -10.78 24.00
N HIS A 109 3.05 -9.99 22.95
CA HIS A 109 3.97 -10.35 21.87
C HIS A 109 5.05 -9.27 21.66
N TYR A 110 6.33 -9.67 21.81
CA TYR A 110 7.50 -8.79 21.64
C TYR A 110 7.72 -7.93 22.90
N TRP A 111 8.96 -7.51 23.15
CA TRP A 111 9.30 -7.00 24.46
C TRP A 111 8.54 -5.70 24.85
N LEU A 112 8.28 -4.84 23.87
CA LEU A 112 7.48 -3.64 24.10
C LEU A 112 6.16 -4.09 24.68
N SER A 113 5.43 -4.92 23.93
CA SER A 113 4.12 -5.43 24.40
C SER A 113 4.16 -6.11 25.75
N GLY A 114 5.24 -6.82 26.05
CA GLY A 114 5.38 -7.51 27.32
C GLY A 114 5.52 -6.59 28.51
N GLN A 115 6.37 -5.56 28.37
CA GLN A 115 6.49 -4.51 29.37
C GLN A 115 5.12 -3.95 29.69
N VAL A 116 4.32 -3.67 28.65
CA VAL A 116 2.94 -3.23 28.90
C VAL A 116 2.19 -4.30 29.72
N GLY A 117 2.20 -5.55 29.25
CA GLY A 117 1.50 -6.66 29.91
C GLY A 117 1.93 -6.99 31.35
N TRP A 118 3.20 -6.76 31.66
CA TRP A 118 3.71 -7.00 32.98
C TRP A 118 3.02 -6.05 34.00
N LEU A 119 2.84 -4.80 33.59
CA LEU A 119 2.21 -3.82 34.47
C LEU A 119 0.76 -4.22 34.57
N LEU A 120 0.14 -4.51 33.42
CA LEU A 120 -1.28 -4.82 33.42
C LEU A 120 -1.58 -6.05 34.25
N ARG A 121 -0.64 -6.98 34.34
CA ARG A 121 -1.01 -8.24 34.95
C ARG A 121 -1.05 -8.07 36.46
N ASP A 122 -0.12 -7.30 37.02
CA ASP A 122 -0.13 -7.02 38.44
C ASP A 122 -1.30 -6.21 38.82
N LEU A 123 -1.71 -5.29 37.93
CA LEU A 123 -2.82 -4.44 38.25
C LEU A 123 -4.11 -5.24 38.23
N TRP A 124 -4.30 -6.02 37.17
CA TRP A 124 -5.52 -6.79 37.01
C TRP A 124 -5.53 -8.12 37.82
N ARG A 125 -4.41 -8.45 38.46
CA ARG A 125 -4.24 -9.75 39.17
C ARG A 125 -4.63 -10.93 38.25
N ILE A 126 -4.00 -10.95 37.05
CA ILE A 126 -4.20 -12.06 36.12
C ILE A 126 -2.86 -12.56 35.55
N PRO A 127 -2.84 -13.73 34.86
CA PRO A 127 -1.52 -14.13 34.40
C PRO A 127 -1.12 -13.52 33.07
N LEU A 128 0.19 -13.39 32.90
CA LEU A 128 0.77 -12.90 31.68
C LEU A 128 1.42 -14.08 30.97
N ILE A 129 1.12 -14.24 29.68
CA ILE A 129 1.83 -15.17 28.82
C ILE A 129 2.64 -14.27 27.90
N HIS A 130 3.96 -14.49 27.82
CA HIS A 130 4.79 -13.69 26.94
C HIS A 130 5.47 -14.44 25.81
N THR A 131 5.32 -13.93 24.58
CA THR A 131 6.07 -14.45 23.47
C THR A 131 7.01 -13.41 22.89
N ALA A 132 8.32 -13.62 23.11
CA ALA A 132 9.41 -12.78 22.66
C ALA A 132 9.42 -12.58 21.16
N HIS A 133 9.27 -13.67 20.41
CA HIS A 133 9.46 -13.72 18.93
C HIS A 133 10.88 -13.56 18.45
N THR A 134 11.56 -12.51 18.90
CA THR A 134 12.99 -12.33 18.60
C THR A 134 13.60 -11.68 19.81
N LEU A 135 14.91 -11.86 19.98
CA LEU A 135 15.60 -11.38 21.17
C LEU A 135 16.89 -10.64 20.87
N ALA A 136 17.13 -9.55 21.59
CA ALA A 136 18.38 -8.82 21.46
C ALA A 136 19.62 -9.72 21.59
N ALA A 137 19.67 -10.56 22.64
CA ALA A 137 20.87 -11.35 22.94
C ALA A 137 21.14 -12.54 21.96
N VAL A 138 20.26 -12.69 20.96
CA VAL A 138 20.41 -13.67 19.86
C VAL A 138 20.29 -12.94 18.52
N ASP A 147 25.03 -4.38 19.26
CA ASP A 147 25.77 -4.10 20.50
C ASP A 147 25.81 -2.61 20.89
N THR A 148 24.63 -2.04 21.05
CA THR A 148 24.47 -0.63 21.21
C THR A 148 23.73 -0.42 22.53
N PRO A 149 23.71 0.82 23.06
CA PRO A 149 22.93 1.03 24.27
C PRO A 149 21.47 0.67 24.08
N GLU A 150 20.95 0.82 22.86
CA GLU A 150 19.52 0.56 22.62
C GLU A 150 19.20 -0.92 22.71
N SER A 151 20.11 -1.76 22.22
CA SER A 151 19.90 -3.19 22.33
C SER A 151 20.19 -3.70 23.75
N GLU A 152 21.21 -3.19 24.40
CA GLU A 152 21.36 -3.50 25.81
C GLU A 152 20.14 -3.10 26.63
N ALA A 153 19.46 -2.01 26.26
CA ALA A 153 18.24 -1.61 26.95
C ALA A 153 17.14 -2.62 26.67
N ARG A 154 17.07 -3.07 25.43
CA ARG A 154 16.05 -4.03 25.05
C ARG A 154 16.26 -5.41 25.74
N ARG A 155 17.48 -5.92 25.69
CA ARG A 155 17.89 -7.11 26.40
C ARG A 155 17.46 -7.06 27.85
N ILE A 156 17.92 -6.02 28.56
CA ILE A 156 17.52 -5.75 29.95
C ILE A 156 16.02 -5.87 30.15
N CYS A 157 15.19 -5.41 29.20
CA CYS A 157 13.73 -5.55 29.35
C CYS A 157 13.29 -6.98 29.08
N GLU A 158 13.97 -7.63 28.14
CA GLU A 158 13.63 -8.96 27.74
C GLU A 158 13.97 -9.84 28.94
N GLN A 159 15.12 -9.56 29.55
CA GLN A 159 15.48 -10.15 30.81
C GLN A 159 14.40 -9.98 31.90
N GLN A 160 13.79 -8.79 31.99
CA GLN A 160 12.73 -8.57 33.00
C GLN A 160 11.52 -9.44 32.73
N LEU A 161 11.19 -9.65 31.48
CA LEU A 161 9.99 -10.39 31.17
C LEU A 161 10.21 -11.87 31.50
N VAL A 162 11.37 -12.39 31.09
CA VAL A 162 11.82 -13.72 31.44
C VAL A 162 11.63 -13.98 32.95
N ASP A 163 12.13 -13.08 33.78
CA ASP A 163 11.98 -13.17 35.24
C ASP A 163 10.60 -12.94 35.82
N ASN A 164 9.63 -12.52 35.03
CA ASN A 164 8.36 -12.09 35.61
C ASN A 164 7.15 -12.68 34.92
N ALA A 165 7.17 -12.93 33.62
CA ALA A 165 6.00 -13.55 33.01
C ALA A 165 5.68 -14.88 33.70
N ASP A 166 4.38 -15.20 33.73
CA ASP A 166 3.87 -16.42 34.30
C ASP A 166 4.24 -17.55 33.37
N VAL A 167 4.19 -17.31 32.07
CA VAL A 167 4.58 -18.33 31.10
C VAL A 167 5.31 -17.68 29.92
N LEU A 168 6.45 -18.27 29.59
CA LEU A 168 7.25 -17.85 28.47
C LEU A 168 6.93 -18.82 27.33
N ALA A 169 6.14 -18.35 26.36
CA ALA A 169 5.79 -19.15 25.20
C ALA A 169 6.83 -18.89 24.12
N VAL A 170 7.55 -19.95 23.79
CA VAL A 170 8.51 -19.96 22.69
C VAL A 170 7.98 -20.81 21.53
N ASN A 171 8.56 -20.57 20.35
CA ASN A 171 8.05 -21.14 19.12
C ASN A 171 8.73 -22.38 18.67
N THR A 172 9.90 -22.64 19.24
CA THR A 172 10.66 -23.87 19.01
C THR A 172 11.45 -24.21 20.24
N GLN A 173 12.13 -25.35 20.19
CA GLN A 173 12.85 -25.87 21.33
C GLN A 173 14.19 -25.18 21.42
N GLU A 174 14.70 -24.80 20.26
CA GLU A 174 15.95 -24.11 20.16
C GLU A 174 15.80 -22.72 20.80
N GLU A 175 14.61 -22.11 20.65
CA GLU A 175 14.30 -20.84 21.30
C GLU A 175 14.26 -20.99 22.80
N MET A 176 13.71 -22.10 23.29
CA MET A 176 13.78 -22.40 24.72
C MET A 176 15.22 -22.53 25.20
N GLN A 177 16.11 -23.08 24.38
CA GLN A 177 17.50 -23.18 24.83
C GLN A 177 18.08 -21.78 25.00
N ASP A 178 17.70 -20.87 24.08
CA ASP A 178 18.16 -19.49 24.10
C ASP A 178 17.70 -18.77 25.35
N LEU A 179 16.42 -18.88 25.67
CA LEU A 179 15.91 -18.32 26.90
C LEU A 179 16.75 -18.82 28.07
N MET A 180 17.06 -20.11 28.08
CA MET A 180 17.81 -20.69 29.20
C MET A 180 19.28 -20.25 29.22
N HIS A 181 19.93 -20.19 28.07
CA HIS A 181 21.33 -19.82 27.99
C HIS A 181 21.59 -18.30 28.09
N HIS A 182 20.87 -17.50 27.31
CA HIS A 182 21.15 -16.07 27.24
C HIS A 182 20.39 -15.25 28.28
N TYR A 183 19.32 -15.81 28.81
CA TYR A 183 18.48 -15.07 29.70
C TYR A 183 18.24 -15.75 31.03
N ASP A 184 18.99 -16.82 31.30
CA ASP A 184 18.91 -17.55 32.56
C ASP A 184 17.50 -17.94 32.92
N ALA A 185 16.68 -18.26 31.92
CA ALA A 185 15.26 -18.59 32.15
C ALA A 185 15.05 -19.83 32.98
N ASP A 186 14.08 -19.78 33.88
CA ASP A 186 13.73 -20.98 34.61
C ASP A 186 12.86 -21.87 33.70
N PRO A 187 13.32 -23.12 33.43
CA PRO A 187 12.74 -23.96 32.38
C PRO A 187 11.31 -24.33 32.68
N ASP A 188 10.93 -24.21 33.95
CA ASP A 188 9.60 -24.55 34.39
C ASP A 188 8.52 -23.60 33.90
N ARG A 189 8.94 -22.45 33.37
CA ARG A 189 8.05 -21.40 32.90
C ARG A 189 8.03 -21.37 31.36
N ILE A 190 9.00 -22.02 30.72
CA ILE A 190 9.04 -22.04 29.26
C ILE A 190 8.10 -23.12 28.77
N SER A 191 7.49 -22.88 27.62
CA SER A 191 6.48 -23.78 27.13
C SER A 191 6.52 -23.64 25.62
N VAL A 192 6.73 -24.75 24.92
CA VAL A 192 6.91 -24.70 23.48
C VAL A 192 5.53 -24.79 22.88
N VAL A 193 5.23 -23.88 21.97
CA VAL A 193 3.95 -23.82 21.31
C VAL A 193 4.43 -23.80 19.88
N SER A 194 4.24 -24.90 19.15
CA SER A 194 4.84 -24.96 17.83
C SER A 194 3.86 -24.31 16.89
N PRO A 195 4.37 -23.50 15.96
CA PRO A 195 3.51 -22.64 15.17
C PRO A 195 2.87 -23.41 14.04
N GLY A 196 2.12 -22.67 13.22
CA GLY A 196 1.35 -23.23 12.12
C GLY A 196 1.61 -22.41 10.88
N ALA A 197 0.80 -22.67 9.87
CA ALA A 197 0.86 -22.03 8.59
C ALA A 197 -0.49 -22.35 7.96
N ASP A 198 -0.97 -21.44 7.13
CA ASP A 198 -2.27 -21.61 6.52
C ASP A 198 -2.11 -22.55 5.35
N VAL A 199 -2.46 -23.78 5.65
CA VAL A 199 -2.00 -24.88 4.85
C VAL A 199 -3.06 -25.30 3.85
N GLU A 200 -4.27 -24.77 4.03
CA GLU A 200 -5.32 -24.92 3.06
C GLU A 200 -5.22 -23.87 1.98
N LEU A 201 -4.90 -22.65 2.39
CA LEU A 201 -4.63 -21.61 1.42
C LEU A 201 -3.34 -21.85 0.62
N TYR A 202 -2.21 -21.97 1.31
CA TYR A 202 -0.92 -22.22 0.66
C TYR A 202 -0.89 -23.67 0.35
N SER A 203 -0.91 -24.04 -0.94
CA SER A 203 -1.13 -25.43 -1.34
C SER A 203 -0.91 -25.55 -2.85
N PRO A 204 -0.51 -26.74 -3.35
CA PRO A 204 0.17 -26.92 -4.63
C PRO A 204 -0.44 -26.32 -5.91
N GLY A 205 -1.73 -26.51 -6.23
CA GLY A 205 -2.64 -27.49 -5.67
C GLY A 205 -3.63 -27.66 -6.81
N ASN A 206 -3.54 -28.79 -7.54
CA ASN A 206 -4.11 -28.92 -8.92
C ASN A 206 -2.90 -28.99 -9.89
N ASP A 207 -3.01 -29.80 -10.94
CA ASP A 207 -1.88 -30.05 -11.88
C ASP A 207 -1.62 -28.90 -12.88
N ARG A 208 -2.60 -28.01 -13.05
CA ARG A 208 -2.47 -26.89 -13.95
C ARG A 208 -2.06 -25.64 -13.17
N ALA A 209 -2.02 -25.77 -11.84
CA ALA A 209 -1.93 -24.65 -10.92
C ALA A 209 -0.69 -23.75 -11.03
N THR A 210 0.48 -24.35 -11.17
CA THR A 210 1.72 -23.59 -11.29
C THR A 210 1.65 -22.74 -12.56
N GLU A 211 1.24 -23.37 -13.65
CA GLU A 211 1.20 -22.66 -14.92
C GLU A 211 0.02 -21.69 -14.98
N ARG A 212 -1.01 -21.90 -14.14
CA ARG A 212 -2.08 -20.91 -14.02
C ARG A 212 -1.53 -19.65 -13.30
N SER A 213 -0.87 -19.87 -12.17
CA SER A 213 -0.18 -18.81 -11.44
C SER A 213 0.78 -18.03 -12.32
N ARG A 214 1.41 -18.71 -13.26
CA ARG A 214 2.43 -18.07 -14.06
C ARG A 214 1.78 -17.14 -15.07
N ARG A 215 0.71 -17.61 -15.70
CA ARG A 215 -0.06 -16.78 -16.60
C ARG A 215 -0.50 -15.52 -15.84
N GLU A 216 -0.87 -15.71 -14.58
CA GLU A 216 -1.49 -14.66 -13.78
C GLU A 216 -0.48 -13.60 -13.39
N LEU A 217 0.75 -14.03 -13.11
CA LEU A 217 1.85 -13.15 -12.71
C LEU A 217 2.68 -12.67 -13.90
N GLY A 218 2.33 -13.11 -15.10
CA GLY A 218 3.04 -12.71 -16.30
C GLY A 218 4.41 -13.34 -16.49
N ILE A 219 4.75 -14.34 -15.69
CA ILE A 219 6.00 -15.12 -15.83
C ILE A 219 5.96 -16.09 -17.03
N PRO A 220 7.06 -16.20 -17.81
CA PRO A 220 7.09 -17.20 -18.90
C PRO A 220 6.92 -18.63 -18.37
N LEU A 221 6.20 -19.44 -19.12
CA LEU A 221 5.84 -20.76 -18.63
C LEU A 221 7.05 -21.68 -18.56
N HIS A 222 7.98 -21.51 -19.49
CA HIS A 222 9.16 -22.36 -19.58
C HIS A 222 10.38 -21.62 -19.08
N THR A 223 10.52 -21.52 -17.79
CA THR A 223 11.72 -20.97 -17.21
C THR A 223 11.74 -21.40 -15.76
N LYS A 224 12.93 -21.45 -15.18
CA LYS A 224 13.01 -21.79 -13.79
C LYS A 224 12.85 -20.50 -13.01
N VAL A 225 12.15 -20.57 -11.90
CA VAL A 225 11.83 -19.39 -11.12
C VAL A 225 12.27 -19.62 -9.68
N VAL A 226 13.02 -18.65 -9.16
CA VAL A 226 13.32 -18.56 -7.73
C VAL A 226 12.58 -17.34 -7.15
N ALA A 227 12.06 -17.47 -5.93
CA ALA A 227 11.27 -16.42 -5.31
C ALA A 227 11.82 -16.12 -3.93
N PHE A 228 11.89 -14.82 -3.64
CA PHE A 228 12.11 -14.34 -2.28
C PHE A 228 10.81 -13.72 -1.89
N VAL A 229 10.33 -14.08 -0.70
CA VAL A 229 9.11 -13.53 -0.13
C VAL A 229 9.37 -12.95 1.26
N GLY A 230 9.01 -11.69 1.46
CA GLY A 230 8.99 -11.09 2.80
C GLY A 230 9.59 -9.71 2.80
N ARG A 231 9.71 -9.14 4.00
CA ARG A 231 10.30 -7.83 4.20
C ARG A 231 11.67 -7.70 3.54
N LEU A 232 11.88 -6.57 2.89
CA LEU A 232 13.14 -6.26 2.23
C LEU A 232 14.09 -5.53 3.18
N GLN A 233 14.28 -6.08 4.37
CA GLN A 233 15.23 -5.55 5.33
C GLN A 233 16.51 -6.35 5.11
N PRO A 234 17.70 -5.77 5.36
CA PRO A 234 18.96 -6.47 5.08
C PRO A 234 19.18 -7.78 5.84
N PHE A 235 18.68 -7.88 7.07
CA PHE A 235 18.79 -9.11 7.85
C PHE A 235 17.99 -10.27 7.23
N LYS A 236 17.19 -9.96 6.22
CA LYS A 236 16.40 -10.97 5.53
C LYS A 236 17.15 -11.57 4.33
N GLY A 237 18.26 -10.96 3.98
CA GLY A 237 19.18 -11.52 2.99
C GLY A 237 18.78 -11.43 1.52
N PRO A 238 17.85 -10.52 1.15
CA PRO A 238 17.53 -10.53 -0.28
C PRO A 238 18.76 -10.23 -1.09
N GLN A 239 19.65 -9.42 -0.51
CA GLN A 239 20.92 -9.07 -1.16
C GLN A 239 21.71 -10.33 -1.47
N VAL A 240 21.59 -11.33 -0.59
CA VAL A 240 22.28 -12.59 -0.80
C VAL A 240 21.73 -13.30 -2.03
N LEU A 241 20.41 -13.27 -2.21
CA LEU A 241 19.81 -13.89 -3.38
C LEU A 241 20.28 -13.19 -4.64
N ILE A 242 20.21 -11.86 -4.62
CA ILE A 242 20.59 -11.08 -5.78
C ILE A 242 22.07 -11.31 -6.09
N LYS A 243 22.92 -11.34 -5.05
CA LYS A 243 24.34 -11.57 -5.26
C LYS A 243 24.59 -12.98 -5.83
N ALA A 244 23.84 -13.96 -5.33
CA ALA A 244 23.97 -15.36 -5.76
C ALA A 244 23.52 -15.53 -7.20
N VAL A 245 22.38 -14.92 -7.52
CA VAL A 245 21.82 -14.92 -8.86
C VAL A 245 22.86 -14.35 -9.84
N ALA A 246 23.52 -13.25 -9.46
CA ALA A 246 24.57 -12.65 -10.30
C ALA A 246 25.71 -13.66 -10.51
N ALA A 247 26.12 -14.30 -9.44
CA ALA A 247 27.13 -15.35 -9.51
C ALA A 247 26.74 -16.43 -10.54
N LEU A 248 25.50 -16.92 -10.50
CA LEU A 248 25.04 -17.95 -11.46
C LEU A 248 25.17 -17.47 -12.88
N PHE A 249 24.89 -16.18 -13.10
CA PHE A 249 24.97 -15.63 -14.44
C PHE A 249 26.40 -15.35 -14.90
N ASP A 250 27.39 -15.36 -13.99
CA ASP A 250 28.78 -15.38 -14.44
C ASP A 250 29.16 -16.77 -14.94
N ARG A 251 28.72 -17.80 -14.22
CA ARG A 251 29.02 -19.20 -14.56
C ARG A 251 28.40 -19.58 -15.90
N ASP A 252 27.15 -19.17 -16.11
CA ASP A 252 26.44 -19.50 -17.32
C ASP A 252 25.56 -18.31 -17.65
N PRO A 253 26.00 -17.44 -18.58
CA PRO A 253 25.28 -16.17 -18.80
C PRO A 253 23.90 -16.29 -19.45
N ASP A 254 23.59 -17.45 -20.03
CA ASP A 254 22.21 -17.68 -20.50
C ASP A 254 21.49 -18.87 -19.83
N ARG A 255 21.77 -19.06 -18.55
CA ARG A 255 20.96 -19.92 -17.69
C ARG A 255 19.50 -19.51 -17.79
N ASN A 256 18.59 -20.48 -17.79
CA ASN A 256 17.18 -20.20 -17.97
C ASN A 256 16.51 -20.00 -16.61
N LEU A 257 16.66 -18.78 -16.09
CA LEU A 257 16.30 -18.42 -14.72
C LEU A 257 15.64 -17.05 -14.64
N ARG A 258 14.57 -16.95 -13.87
CA ARG A 258 14.06 -15.66 -13.49
C ARG A 258 13.75 -15.66 -12.01
N VAL A 259 13.84 -14.47 -11.41
CA VAL A 259 13.70 -14.27 -9.97
C VAL A 259 12.54 -13.33 -9.74
N ILE A 260 11.65 -13.69 -8.82
CA ILE A 260 10.66 -12.75 -8.35
C ILE A 260 10.82 -12.50 -6.87
N ILE A 261 10.93 -11.24 -6.51
CA ILE A 261 11.12 -10.80 -5.10
C ILE A 261 9.85 -10.06 -4.66
N CYS A 262 9.29 -10.46 -3.53
CA CYS A 262 7.97 -9.99 -3.12
C CYS A 262 7.91 -9.92 -1.59
N GLY A 263 7.88 -8.75 -0.94
CA GLY A 263 7.52 -7.46 -1.52
C GLY A 263 8.17 -6.18 -1.02
N GLY A 264 7.93 -5.77 0.24
CA GLY A 264 8.16 -4.34 0.66
C GLY A 264 9.35 -3.90 1.54
N PRO A 265 9.75 -2.62 1.45
CA PRO A 265 10.94 -2.04 2.15
C PRO A 265 10.86 -1.99 3.69
N THR A 274 16.27 0.47 -4.76
CA THR A 274 17.29 0.20 -3.73
C THR A 274 17.95 -1.20 -3.82
N TYR A 275 17.14 -2.27 -3.82
CA TYR A 275 17.62 -3.60 -4.24
C TYR A 275 17.60 -3.67 -5.76
N ARG A 276 16.58 -3.09 -6.38
CA ARG A 276 16.61 -2.87 -7.82
C ARG A 276 17.92 -2.19 -8.21
N HIS A 277 18.37 -1.25 -7.37
CA HIS A 277 19.62 -0.55 -7.62
C HIS A 277 20.82 -1.50 -7.61
N MET A 278 20.89 -2.35 -6.58
CA MET A 278 21.95 -3.35 -6.47
C MET A 278 21.93 -4.32 -7.67
N ALA A 279 20.72 -4.64 -8.14
CA ALA A 279 20.54 -5.54 -9.27
C ALA A 279 21.01 -4.94 -10.60
N GLU A 280 20.87 -3.62 -10.78
CA GLU A 280 21.45 -3.02 -11.98
C GLU A 280 22.96 -2.95 -11.90
N GLU A 281 23.47 -2.56 -10.72
CA GLU A 281 24.90 -2.50 -10.46
C GLU A 281 25.58 -3.83 -10.78
N LEU A 282 24.82 -4.91 -10.68
CA LEU A 282 25.34 -6.26 -10.85
C LEU A 282 24.97 -6.88 -12.20
N GLY A 283 24.26 -6.12 -13.03
CA GLY A 283 23.89 -6.55 -14.37
C GLY A 283 22.75 -7.56 -14.50
N VAL A 284 21.86 -7.63 -13.51
CA VAL A 284 20.84 -8.66 -13.53
C VAL A 284 19.41 -8.14 -13.38
N GLU A 285 19.21 -6.84 -13.59
CA GLU A 285 17.88 -6.23 -13.41
C GLU A 285 16.86 -6.89 -14.32
N LYS A 286 17.29 -7.24 -15.53
CA LYS A 286 16.39 -7.78 -16.55
C LYS A 286 15.81 -9.15 -16.17
N ARG A 287 16.53 -9.94 -15.36
CA ARG A 287 16.01 -11.25 -14.96
C ARG A 287 15.46 -11.26 -13.52
N ILE A 288 15.46 -10.11 -12.85
CA ILE A 288 14.82 -9.99 -11.52
C ILE A 288 13.58 -9.08 -11.56
N ARG A 289 12.63 -9.33 -10.69
CA ARG A 289 11.36 -8.67 -10.83
C ARG A 289 10.83 -8.50 -9.41
N PHE A 290 10.45 -7.27 -9.06
CA PHE A 290 10.07 -6.93 -7.69
C PHE A 290 8.56 -6.82 -7.61
N LEU A 291 7.92 -7.74 -6.91
CA LEU A 291 6.48 -7.64 -6.75
C LEU A 291 6.10 -6.91 -5.47
N ASP A 292 5.08 -6.06 -5.59
CA ASP A 292 4.49 -5.38 -4.46
C ASP A 292 3.97 -6.37 -3.44
N PRO A 293 4.05 -6.03 -2.12
CA PRO A 293 3.49 -6.95 -1.14
C PRO A 293 2.00 -7.08 -1.40
N ARG A 294 1.47 -8.26 -1.11
CA ARG A 294 0.09 -8.59 -1.37
C ARG A 294 -0.48 -9.49 -0.25
N PRO A 295 -1.82 -9.56 -0.15
CA PRO A 295 -2.45 -10.36 0.89
C PRO A 295 -2.32 -11.86 0.57
N PRO A 296 -2.46 -12.73 1.59
CA PRO A 296 -2.22 -14.17 1.37
C PRO A 296 -2.97 -14.77 0.16
N SER A 297 -4.25 -14.42 -0.02
CA SER A 297 -4.99 -14.97 -1.13
C SER A 297 -4.25 -14.75 -2.45
N GLU A 298 -3.34 -13.78 -2.48
CA GLU A 298 -2.63 -13.46 -3.71
C GLU A 298 -1.15 -13.89 -3.69
N LEU A 299 -0.59 -14.09 -2.49
CA LEU A 299 0.77 -14.59 -2.37
C LEU A 299 0.84 -16.02 -2.88
N VAL A 300 -0.22 -16.80 -2.66
CA VAL A 300 -0.25 -18.19 -3.14
C VAL A 300 0.38 -18.30 -4.53
N ALA A 301 -0.04 -17.42 -5.45
CA ALA A 301 0.42 -17.53 -6.80
C ALA A 301 1.95 -17.37 -6.87
N VAL A 302 2.54 -16.49 -6.06
CA VAL A 302 4.00 -16.37 -6.07
C VAL A 302 4.66 -17.73 -5.73
N TYR A 303 4.26 -18.31 -4.60
CA TYR A 303 4.72 -19.62 -4.17
C TYR A 303 4.50 -20.69 -5.24
N ARG A 304 3.27 -20.80 -5.72
CA ARG A 304 2.97 -21.76 -6.74
C ARG A 304 3.87 -21.54 -7.94
N ALA A 305 4.06 -20.29 -8.38
CA ALA A 305 4.83 -20.06 -9.60
C ALA A 305 6.31 -20.39 -9.46
N ALA A 306 6.81 -20.31 -8.23
CA ALA A 306 8.23 -20.59 -7.95
C ALA A 306 8.62 -22.08 -8.02
N ASP A 307 9.75 -22.36 -8.64
CA ASP A 307 10.32 -23.71 -8.54
C ASP A 307 11.01 -23.94 -7.18
N ILE A 308 11.60 -22.87 -6.64
CA ILE A 308 12.42 -22.86 -5.43
C ILE A 308 12.12 -21.53 -4.72
N VAL A 309 12.07 -21.53 -3.40
CA VAL A 309 11.93 -20.27 -2.62
C VAL A 309 13.20 -20.14 -1.77
N ALA A 310 13.89 -19.03 -1.91
CA ALA A 310 15.13 -18.81 -1.21
C ALA A 310 14.85 -17.99 0.03
N VAL A 311 15.29 -18.49 1.18
CA VAL A 311 15.12 -17.73 2.41
C VAL A 311 16.44 -17.56 3.18
N PRO A 312 17.30 -16.63 2.69
CA PRO A 312 18.64 -16.34 3.19
C PRO A 312 18.70 -15.49 4.44
N SER A 313 17.77 -15.67 5.36
CA SER A 313 17.66 -14.83 6.55
C SER A 313 18.97 -14.84 7.34
N PHE A 314 19.28 -13.72 7.98
CA PHE A 314 20.41 -13.66 8.90
C PHE A 314 19.92 -13.89 10.33
N ASN A 315 18.74 -13.37 10.61
CA ASN A 315 18.08 -13.64 11.88
C ASN A 315 16.69 -14.24 11.63
N GLU A 316 16.07 -14.77 12.69
CA GLU A 316 14.93 -15.66 12.59
C GLU A 316 15.02 -16.32 13.99
N SER A 317 14.03 -17.02 14.56
CA SER A 317 12.59 -17.14 14.19
C SER A 317 12.22 -17.93 12.96
N PHE A 318 11.02 -18.48 12.87
CA PHE A 318 10.69 -19.74 13.46
C PHE A 318 10.41 -20.37 12.08
N GLY A 319 10.37 -19.46 11.08
CA GLY A 319 10.46 -19.72 9.64
C GLY A 319 9.20 -19.64 8.77
N LEU A 320 8.24 -18.81 9.15
CA LEU A 320 6.93 -18.82 8.48
C LEU A 320 6.95 -18.84 6.93
N VAL A 321 7.77 -18.02 6.30
CA VAL A 321 7.80 -18.07 4.84
C VAL A 321 8.18 -19.49 4.37
N ALA A 322 9.18 -20.08 5.01
CA ALA A 322 9.62 -21.43 4.70
C ALA A 322 8.43 -22.38 4.78
N MET A 323 7.67 -22.33 5.87
CA MET A 323 6.49 -23.16 5.98
C MET A 323 5.48 -23.00 4.83
N GLU A 324 5.14 -21.76 4.48
CA GLU A 324 4.13 -21.53 3.42
C GLU A 324 4.63 -21.96 2.04
N ALA A 325 5.93 -21.79 1.80
CA ALA A 325 6.56 -22.29 0.58
C ALA A 325 6.35 -23.80 0.41
N GLN A 326 6.65 -24.51 1.50
CA GLN A 326 6.54 -25.95 1.66
C GLN A 326 5.09 -26.39 1.46
N ALA A 327 4.19 -25.75 2.21
CA ALA A 327 2.76 -26.02 2.12
C ALA A 327 2.26 -25.99 0.68
N SER A 328 2.83 -25.08 -0.09
CA SER A 328 2.34 -24.81 -1.41
C SER A 328 3.07 -25.66 -2.42
N GLY A 329 3.88 -26.60 -1.92
CA GLY A 329 4.51 -27.62 -2.73
C GLY A 329 5.83 -27.22 -3.35
N THR A 330 6.45 -26.17 -2.82
CA THR A 330 7.68 -25.64 -3.41
C THR A 330 8.85 -25.88 -2.47
N PRO A 331 9.91 -26.51 -2.95
CA PRO A 331 11.04 -26.66 -2.06
C PRO A 331 11.69 -25.33 -1.66
N VAL A 332 12.30 -25.33 -0.47
CA VAL A 332 12.95 -24.16 0.10
C VAL A 332 14.47 -24.35 0.21
N ILE A 333 15.24 -23.29 -0.13
CA ILE A 333 16.65 -23.25 0.24
C ILE A 333 16.85 -22.18 1.32
N ALA A 334 17.07 -22.61 2.57
CA ALA A 334 17.14 -21.66 3.70
C ALA A 334 18.54 -21.54 4.30
N ALA A 335 18.79 -20.47 5.05
CA ALA A 335 20.01 -20.32 5.83
C ALA A 335 19.91 -21.20 7.10
N ARG A 336 21.03 -21.79 7.53
CA ARG A 336 20.99 -22.53 8.78
C ARG A 336 20.89 -21.53 9.93
N VAL A 337 19.67 -21.13 10.26
CA VAL A 337 19.43 -19.92 11.04
C VAL A 337 18.03 -19.94 11.67
N GLY A 338 17.90 -19.43 12.90
CA GLY A 338 16.62 -19.45 13.62
C GLY A 338 15.86 -20.78 13.54
N GLY A 339 14.56 -20.70 13.22
CA GLY A 339 13.71 -21.89 13.10
C GLY A 339 13.86 -22.69 11.82
N LEU A 340 14.58 -22.12 10.85
CA LEU A 340 14.60 -22.69 9.51
C LEU A 340 14.92 -24.19 9.46
N PRO A 341 16.00 -24.66 10.14
CA PRO A 341 16.33 -26.12 10.24
C PRO A 341 15.17 -27.01 10.71
N ILE A 342 14.20 -26.44 11.41
CA ILE A 342 13.05 -27.19 11.88
C ILE A 342 11.91 -27.07 10.86
N ALA A 343 11.73 -25.87 10.31
CA ALA A 343 10.76 -25.66 9.23
C ALA A 343 11.13 -26.47 7.98
N VAL A 344 12.42 -26.67 7.71
CA VAL A 344 12.85 -27.43 6.54
C VAL A 344 13.49 -28.75 6.92
N ALA A 345 13.00 -29.83 6.32
CA ALA A 345 13.65 -31.15 6.49
C ALA A 345 14.80 -31.15 5.49
N GLU A 346 15.96 -30.75 5.98
CA GLU A 346 17.17 -30.76 5.18
C GLU A 346 17.25 -32.06 4.39
N GLY A 347 17.57 -31.93 3.10
CA GLY A 347 17.79 -33.06 2.21
C GLY A 347 16.52 -33.76 1.76
N GLU A 348 15.42 -33.60 2.49
CA GLU A 348 14.10 -34.12 2.08
C GLU A 348 13.13 -33.11 1.40
N THR A 349 13.11 -31.86 1.86
CA THR A 349 12.16 -30.88 1.35
C THR A 349 12.83 -29.58 0.91
N GLY A 350 14.16 -29.61 0.93
CA GLY A 350 14.98 -28.48 0.51
C GLY A 350 16.37 -28.58 1.10
N LEU A 351 17.11 -27.47 1.00
CA LEU A 351 18.50 -27.42 1.38
C LEU A 351 18.70 -26.38 2.47
N LEU A 352 19.75 -26.54 3.24
CA LEU A 352 20.17 -25.56 4.22
C LEU A 352 21.59 -25.12 3.93
N VAL A 353 21.78 -23.83 3.74
CA VAL A 353 23.09 -23.26 3.45
C VAL A 353 23.72 -22.73 4.73
N ASP A 354 24.99 -23.04 4.93
CA ASP A 354 25.75 -22.42 5.99
C ASP A 354 26.39 -21.12 5.51
N GLY A 355 26.20 -20.06 6.28
CA GLY A 355 26.74 -18.75 5.89
C GLY A 355 25.93 -18.07 4.82
N HIS A 356 26.38 -16.89 4.41
CA HIS A 356 25.58 -16.11 3.47
C HIS A 356 26.42 -15.69 2.28
N SER A 357 27.46 -16.45 1.98
CA SER A 357 28.30 -16.13 0.83
C SER A 357 27.53 -16.42 -0.45
N PRO A 358 27.70 -15.55 -1.47
CA PRO A 358 27.18 -15.80 -2.83
C PRO A 358 27.63 -17.13 -3.47
N HIS A 359 28.89 -17.51 -3.31
CA HIS A 359 29.37 -18.80 -3.85
C HIS A 359 28.50 -19.98 -3.35
N ALA A 360 28.32 -20.05 -2.02
CA ALA A 360 27.55 -21.12 -1.38
C ALA A 360 26.11 -21.17 -1.87
N TRP A 361 25.49 -20.00 -1.99
CA TRP A 361 24.10 -19.92 -2.42
C TRP A 361 23.91 -20.23 -3.90
N ALA A 362 24.86 -19.81 -4.72
CA ALA A 362 24.86 -20.21 -6.11
C ALA A 362 24.95 -21.75 -6.20
N ASP A 363 25.92 -22.35 -5.51
CA ASP A 363 26.03 -23.82 -5.50
C ASP A 363 24.70 -24.49 -5.17
N ALA A 364 24.07 -24.03 -4.09
CA ALA A 364 22.88 -24.68 -3.59
C ALA A 364 21.72 -24.45 -4.55
N LEU A 365 21.62 -23.22 -5.09
CA LEU A 365 20.62 -22.91 -6.12
C LEU A 365 20.85 -23.70 -7.39
N ALA A 366 22.11 -23.83 -7.78
CA ALA A 366 22.45 -24.59 -8.95
C ALA A 366 22.07 -26.07 -8.82
N THR A 367 22.26 -26.66 -7.63
CA THR A 367 22.02 -28.11 -7.52
C THR A 367 20.53 -28.43 -7.63
N LEU A 368 19.68 -27.54 -7.14
CA LEU A 368 18.23 -27.77 -7.26
C LEU A 368 17.65 -27.35 -8.61
N LEU A 369 18.18 -26.31 -9.22
CA LEU A 369 17.76 -25.90 -10.56
C LEU A 369 18.09 -26.95 -11.64
N ASP A 370 19.28 -27.56 -11.56
CA ASP A 370 19.76 -28.50 -12.58
C ASP A 370 19.33 -29.97 -12.39
N ASP A 371 18.91 -30.31 -11.19
CA ASP A 371 18.48 -31.65 -10.90
C ASP A 371 16.97 -31.68 -10.76
N ASP A 372 16.30 -31.82 -11.89
CA ASP A 372 14.85 -31.75 -11.95
C ASP A 372 14.15 -32.81 -11.13
N GLU A 373 14.66 -34.02 -11.18
CA GLU A 373 13.99 -35.10 -10.51
C GLU A 373 13.98 -34.94 -8.98
N THR A 374 15.11 -34.50 -8.43
CA THR A 374 15.26 -34.21 -6.99
C THR A 374 14.33 -33.08 -6.54
N ARG A 375 14.37 -31.95 -7.26
CA ARG A 375 13.58 -30.80 -6.90
C ARG A 375 12.08 -31.12 -6.95
N ILE A 376 11.67 -31.84 -7.99
CA ILE A 376 10.27 -32.18 -8.16
C ILE A 376 9.79 -33.03 -6.99
N ARG A 377 10.68 -33.88 -6.48
CA ARG A 377 10.33 -34.73 -5.36
C ARG A 377 10.35 -33.99 -4.03
N MET A 378 11.31 -33.08 -3.86
CA MET A 378 11.38 -32.31 -2.65
C MET A 378 10.06 -31.57 -2.48
N GLY A 379 9.60 -30.94 -3.58
CA GLY A 379 8.33 -30.24 -3.62
C GLY A 379 7.18 -31.10 -3.15
N GLU A 380 7.07 -32.31 -3.68
CA GLU A 380 5.97 -33.16 -3.26
C GLU A 380 6.10 -33.54 -1.79
N ASP A 381 7.33 -33.81 -1.35
CA ASP A 381 7.56 -34.22 0.03
C ASP A 381 7.22 -33.11 1.02
N ALA A 382 7.49 -31.86 0.60
CA ALA A 382 7.23 -30.65 1.38
C ALA A 382 5.77 -30.49 1.74
N VAL A 383 4.89 -30.91 0.84
CA VAL A 383 3.49 -30.79 1.11
C VAL A 383 3.19 -31.64 2.34
N GLU A 384 3.58 -32.91 2.30
CA GLU A 384 3.38 -33.81 3.43
C GLU A 384 4.02 -33.24 4.68
N HIS A 385 5.20 -32.64 4.53
CA HIS A 385 5.91 -32.05 5.65
C HIS A 385 5.17 -30.90 6.30
N ALA A 386 4.71 -29.96 5.48
CA ALA A 386 4.09 -28.75 5.98
C ALA A 386 2.82 -29.03 6.73
N ARG A 387 2.21 -30.17 6.45
CA ARG A 387 0.97 -30.49 7.16
C ARG A 387 1.15 -30.76 8.66
N THR A 388 2.41 -30.84 9.10
CA THR A 388 2.70 -30.89 10.54
C THR A 388 2.45 -29.57 11.32
N PHE A 389 1.94 -28.58 10.63
CA PHE A 389 1.59 -27.33 11.29
C PHE A 389 0.72 -26.63 10.32
N SER A 390 -0.45 -26.05 10.60
CA SER A 390 -1.51 -26.17 11.63
C SER A 390 -1.75 -25.16 12.74
N TRP A 391 -2.33 -24.02 12.34
CA TRP A 391 -2.69 -22.94 13.25
C TRP A 391 -3.70 -23.43 14.28
N ALA A 392 -4.25 -24.61 14.03
CA ALA A 392 -5.38 -25.01 14.83
C ALA A 392 -5.25 -25.73 16.18
N ALA A 393 -4.51 -26.82 16.41
CA ALA A 393 -3.05 -27.07 16.51
C ALA A 393 -2.27 -26.02 17.27
N THR A 394 -1.92 -24.89 16.68
CA THR A 394 -1.22 -23.92 17.51
C THR A 394 -2.15 -23.37 18.60
N ALA A 395 -3.38 -23.02 18.20
CA ALA A 395 -4.39 -22.48 19.12
C ALA A 395 -4.71 -23.45 20.25
N ALA A 396 -4.88 -24.73 19.89
CA ALA A 396 -5.16 -25.79 20.86
C ALA A 396 -4.05 -25.84 21.92
N GLN A 397 -2.79 -25.72 21.51
CA GLN A 397 -1.74 -25.60 22.49
C GLN A 397 -1.92 -24.35 23.37
N LEU A 398 -2.18 -23.19 22.77
CA LEU A 398 -2.39 -21.98 23.57
C LEU A 398 -3.61 -22.10 24.49
N SER A 399 -4.69 -22.64 23.95
CA SER A 399 -5.87 -23.01 24.73
C SER A 399 -5.50 -23.66 26.06
N SER A 400 -4.73 -24.74 26.01
CA SER A 400 -4.28 -25.43 27.23
C SER A 400 -3.39 -24.58 28.08
N LEU A 401 -2.47 -23.87 27.43
CA LEU A 401 -1.53 -23.05 28.12
C LEU A 401 -2.27 -22.08 29.03
N TYR A 402 -3.29 -21.44 28.45
CA TYR A 402 -4.13 -20.49 29.11
C TYR A 402 -4.84 -21.13 30.27
N ASN A 403 -5.51 -22.26 30.02
CA ASN A 403 -6.27 -22.95 31.07
C ASN A 403 -5.43 -23.28 32.29
N ASP A 404 -4.24 -23.82 32.04
CA ASP A 404 -3.27 -24.07 33.10
C ASP A 404 -2.92 -22.83 33.88
N ALA A 405 -2.57 -21.77 33.13
CA ALA A 405 -2.16 -20.51 33.74
C ALA A 405 -3.26 -20.03 34.66
N ILE A 406 -4.50 -20.09 34.19
CA ILE A 406 -5.65 -19.65 34.99
C ILE A 406 -5.81 -20.55 36.18
N ALA A 407 -5.94 -21.85 35.92
CA ALA A 407 -5.97 -22.86 36.99
C ALA A 407 -4.93 -22.64 38.10
N ASN A 408 -3.74 -22.13 37.79
CA ASN A 408 -2.69 -22.01 38.80
C ASN A 408 -2.45 -20.66 39.46
N GLU A 409 -3.39 -19.72 39.35
CA GLU A 409 -3.18 -18.34 39.86
C GLU A 409 -3.59 -18.12 41.32
N MET B 1 -31.68 4.75 -16.39
CA MET B 1 -30.52 4.89 -17.28
C MET B 1 -29.35 4.11 -16.74
N ARG B 2 -28.72 3.32 -17.61
CA ARG B 2 -27.51 2.60 -17.21
C ARG B 2 -26.33 3.04 -18.06
N VAL B 3 -25.27 3.47 -17.37
CA VAL B 3 -24.07 3.99 -18.00
C VAL B 3 -22.88 3.04 -17.81
N ALA B 4 -22.22 2.68 -18.91
CA ALA B 4 -20.95 1.99 -18.81
C ALA B 4 -19.78 2.97 -18.86
N MET B 5 -19.10 3.08 -17.73
CA MET B 5 -17.85 3.84 -17.69
C MET B 5 -16.66 2.92 -17.97
N ILE B 6 -15.71 3.40 -18.75
CA ILE B 6 -14.51 2.63 -19.00
C ILE B 6 -13.26 3.31 -18.47
N SER B 7 -12.50 2.56 -17.68
CA SER B 7 -11.25 3.03 -17.14
C SER B 7 -10.25 1.90 -17.21
N MET B 8 -9.84 1.58 -18.43
CA MET B 8 -9.07 0.37 -18.66
C MET B 8 -7.82 0.18 -17.83
N HIS B 9 -6.96 1.19 -17.77
CA HIS B 9 -5.61 0.94 -17.32
C HIS B 9 -5.40 1.18 -15.84
N THR B 10 -6.40 1.74 -15.19
CA THR B 10 -6.27 2.04 -13.76
C THR B 10 -7.64 2.03 -13.15
N SER B 11 -7.72 1.50 -11.93
CA SER B 11 -8.99 1.25 -11.30
C SER B 11 -9.39 2.40 -10.33
N PRO B 12 -10.69 2.71 -10.25
CA PRO B 12 -11.10 3.71 -9.28
C PRO B 12 -10.98 3.21 -7.85
N LEU B 13 -10.64 1.94 -7.67
CA LEU B 13 -10.44 1.39 -6.35
C LEU B 13 -8.96 1.39 -5.97
N GLN B 14 -8.10 1.84 -6.89
CA GLN B 14 -6.67 1.93 -6.59
C GLN B 14 -6.43 3.23 -5.79
N GLN B 15 -5.71 3.12 -4.68
CA GLN B 15 -5.42 4.29 -3.84
C GLN B 15 -4.74 5.38 -4.70
N PRO B 16 -5.36 6.57 -4.85
CA PRO B 16 -4.71 7.56 -5.71
C PRO B 16 -3.47 8.16 -5.05
N GLY B 17 -2.55 8.70 -5.84
CA GLY B 17 -1.30 9.24 -5.30
C GLY B 17 -0.08 8.35 -5.48
N THR B 18 -0.29 7.15 -6.04
CA THR B 18 0.77 6.17 -6.33
C THR B 18 0.54 5.53 -7.68
N GLY B 19 1.57 4.81 -8.14
CA GLY B 19 1.53 4.08 -9.40
C GLY B 19 0.87 4.92 -10.44
N ASP B 20 -0.21 4.40 -11.00
CA ASP B 20 -0.94 5.13 -12.06
C ASP B 20 -2.22 5.80 -11.58
N SER B 21 -2.46 5.79 -10.28
CA SER B 21 -3.71 6.26 -9.74
C SER B 21 -3.56 7.72 -9.34
N GLY B 22 -4.43 8.56 -9.87
CA GLY B 22 -4.30 9.99 -9.66
C GLY B 22 -5.65 10.64 -9.74
N GLY B 23 -5.68 11.81 -10.38
CA GLY B 23 -6.84 12.70 -10.34
C GLY B 23 -7.99 12.09 -11.09
N MET B 24 -7.64 11.40 -12.18
CA MET B 24 -8.63 10.79 -13.03
C MET B 24 -9.42 9.73 -12.29
N ASN B 25 -8.74 9.03 -11.39
CA ASN B 25 -9.34 7.99 -10.56
C ASN B 25 -10.36 8.56 -9.61
N VAL B 26 -10.01 9.63 -8.91
CA VAL B 26 -10.98 10.23 -8.01
C VAL B 26 -12.08 10.91 -8.82
N TYR B 27 -11.72 11.43 -9.99
CA TYR B 27 -12.68 11.97 -10.94
C TYR B 27 -13.71 10.91 -11.30
N ILE B 28 -13.24 9.80 -11.84
CA ILE B 28 -14.12 8.67 -12.12
C ILE B 28 -14.94 8.23 -10.88
N LEU B 29 -14.30 7.89 -9.77
CA LEU B 29 -15.05 7.41 -8.63
C LEU B 29 -16.07 8.44 -8.12
N SER B 30 -15.65 9.69 -7.97
CA SER B 30 -16.49 10.71 -7.36
C SER B 30 -17.73 11.03 -8.20
N THR B 31 -17.50 11.28 -9.50
CA THR B 31 -18.61 11.56 -10.41
C THR B 31 -19.51 10.35 -10.43
N ALA B 32 -18.92 9.17 -10.40
CA ALA B 32 -19.71 7.96 -10.50
C ALA B 32 -20.58 7.84 -9.25
N THR B 33 -20.01 8.20 -8.10
CA THR B 33 -20.71 8.09 -6.81
C THR B 33 -21.88 9.06 -6.75
N GLU B 34 -21.71 10.21 -7.37
CA GLU B 34 -22.71 11.23 -7.32
C GLU B 34 -23.82 10.92 -8.33
N LEU B 35 -23.44 10.37 -9.47
CA LEU B 35 -24.41 9.90 -10.47
C LEU B 35 -25.26 8.78 -9.89
N ALA B 36 -24.62 7.89 -9.13
CA ALA B 36 -25.30 6.78 -8.50
C ALA B 36 -26.28 7.27 -7.43
N LYS B 37 -25.94 8.35 -6.73
CA LYS B 37 -26.83 8.96 -5.75
C LYS B 37 -28.14 9.43 -6.36
N GLN B 38 -28.12 9.86 -7.62
CA GLN B 38 -29.32 10.42 -8.25
C GLN B 38 -30.08 9.45 -9.16
N GLY B 39 -29.88 8.16 -8.97
CA GLY B 39 -30.67 7.14 -9.67
C GLY B 39 -30.08 6.52 -10.92
N ILE B 40 -29.01 7.11 -11.45
CA ILE B 40 -28.35 6.58 -12.64
C ILE B 40 -27.47 5.36 -12.28
N GLU B 41 -27.66 4.27 -13.02
CA GLU B 41 -26.89 3.07 -12.75
C GLU B 41 -25.56 3.10 -13.48
N VAL B 42 -24.47 3.11 -12.73
CA VAL B 42 -23.14 3.13 -13.32
C VAL B 42 -22.39 1.83 -13.04
N ASP B 43 -21.75 1.31 -14.10
CA ASP B 43 -20.82 0.20 -14.00
C ASP B 43 -19.47 0.67 -14.52
N ILE B 44 -18.46 0.67 -13.65
CA ILE B 44 -17.13 1.10 -14.10
C ILE B 44 -16.33 -0.13 -14.46
N TYR B 45 -15.84 -0.17 -15.69
CA TYR B 45 -15.06 -1.31 -16.18
C TYR B 45 -13.57 -1.03 -16.15
N THR B 46 -12.81 -1.95 -15.56
CA THR B 46 -11.39 -1.79 -15.51
C THR B 46 -10.70 -3.15 -15.62
N ARG B 47 -9.43 -3.16 -16.00
CA ARG B 47 -8.69 -4.42 -16.11
C ARG B 47 -8.45 -4.98 -14.72
N ALA B 48 -8.63 -6.29 -14.55
CA ALA B 48 -8.45 -6.92 -13.24
C ALA B 48 -6.98 -7.00 -12.85
N THR B 49 -6.66 -6.47 -11.68
CA THR B 49 -5.26 -6.51 -11.20
C THR B 49 -5.14 -7.10 -9.79
N ARG B 50 -6.24 -7.17 -9.06
CA ARG B 50 -6.20 -7.66 -7.68
C ARG B 50 -7.28 -8.73 -7.43
N PRO B 51 -7.01 -10.00 -7.78
CA PRO B 51 -8.02 -11.07 -7.81
C PRO B 51 -8.84 -11.20 -6.54
N SER B 52 -8.20 -11.03 -5.38
CA SER B 52 -8.94 -11.00 -4.11
C SER B 52 -10.22 -10.14 -4.13
N GLN B 53 -10.28 -9.17 -5.05
CA GLN B 53 -11.45 -8.31 -5.18
C GLN B 53 -12.66 -8.99 -5.87
N GLY B 54 -12.41 -9.99 -6.71
CA GLY B 54 -13.49 -10.60 -7.49
C GLY B 54 -13.85 -9.86 -8.77
N GLU B 55 -14.76 -10.44 -9.56
CA GLU B 55 -15.25 -9.84 -10.80
C GLU B 55 -16.06 -8.55 -10.56
N ILE B 56 -17.09 -8.64 -9.72
CA ILE B 56 -18.00 -7.52 -9.45
C ILE B 56 -17.87 -6.98 -8.03
N VAL B 57 -17.61 -5.69 -7.90
CA VAL B 57 -17.58 -5.04 -6.59
C VAL B 57 -18.77 -4.07 -6.45
N ARG B 58 -19.74 -4.43 -5.63
CA ARG B 58 -20.83 -3.51 -5.32
C ARG B 58 -20.25 -2.41 -4.41
N VAL B 59 -20.19 -1.16 -4.90
CA VAL B 59 -19.51 -0.10 -4.14
C VAL B 59 -20.48 0.70 -3.29
N ALA B 60 -21.59 1.07 -3.92
CA ALA B 60 -22.72 1.70 -3.24
C ALA B 60 -23.93 1.36 -4.10
N GLU B 61 -25.11 1.83 -3.71
CA GLU B 61 -26.33 1.55 -4.48
C GLU B 61 -26.21 2.15 -5.87
N ASN B 62 -26.42 1.31 -6.88
CA ASN B 62 -26.35 1.72 -8.30
C ASN B 62 -24.94 1.91 -8.84
N LEU B 63 -23.93 1.54 -8.06
CA LEU B 63 -22.56 1.74 -8.47
C LEU B 63 -21.79 0.46 -8.28
N ARG B 64 -21.30 -0.10 -9.40
CA ARG B 64 -20.47 -1.32 -9.40
C ARG B 64 -19.17 -1.12 -10.16
N VAL B 65 -18.09 -1.72 -9.66
CA VAL B 65 -16.84 -1.75 -10.42
C VAL B 65 -16.67 -3.17 -10.97
N ILE B 66 -16.53 -3.29 -12.28
CA ILE B 66 -16.35 -4.61 -12.92
C ILE B 66 -14.88 -4.87 -13.35
N ASN B 67 -14.21 -5.76 -12.62
CA ASN B 67 -12.83 -6.13 -12.97
C ASN B 67 -12.83 -7.17 -14.09
N ILE B 68 -12.36 -6.79 -15.27
CA ILE B 68 -12.32 -7.66 -16.45
C ILE B 68 -10.95 -8.32 -16.61
N ALA B 69 -10.94 -9.64 -16.56
CA ALA B 69 -9.69 -10.37 -16.77
C ALA B 69 -9.19 -10.20 -18.21
N ALA B 70 -8.06 -9.53 -18.37
CA ALA B 70 -7.43 -9.36 -19.67
C ALA B 70 -5.91 -9.27 -19.52
N GLY B 71 -5.22 -10.39 -19.66
CA GLY B 71 -3.79 -10.42 -19.49
C GLY B 71 -3.51 -10.62 -18.01
N PRO B 72 -2.23 -10.74 -17.63
CA PRO B 72 -1.82 -10.94 -16.24
C PRO B 72 -2.14 -9.79 -15.31
N TYR B 73 -2.20 -10.11 -14.02
CA TYR B 73 -2.44 -9.13 -13.00
C TYR B 73 -1.19 -8.28 -12.74
N GLU B 74 -0.03 -8.83 -13.05
CA GLU B 74 1.23 -8.15 -12.83
C GLU B 74 2.10 -8.25 -14.08
N GLY B 75 2.97 -7.26 -14.27
CA GLY B 75 4.03 -7.35 -15.28
C GLY B 75 3.75 -6.64 -16.58
N LEU B 76 2.60 -5.97 -16.65
CA LEU B 76 2.21 -5.23 -17.85
C LEU B 76 2.06 -3.76 -17.53
N SER B 77 3.08 -2.98 -17.83
CA SER B 77 3.00 -1.55 -17.53
C SER B 77 2.03 -0.78 -18.50
N LYS B 78 1.65 0.43 -18.10
CA LYS B 78 0.76 1.27 -18.90
C LYS B 78 1.10 1.36 -20.40
N GLU B 79 2.40 1.46 -20.75
CA GLU B 79 2.78 1.69 -22.14
C GLU B 79 2.64 0.43 -22.96
N GLU B 80 2.24 -0.64 -22.28
CA GLU B 80 2.21 -1.97 -22.88
C GLU B 80 0.79 -2.51 -22.94
N LEU B 81 -0.13 -1.80 -22.28
CA LEU B 81 -1.54 -2.17 -22.29
C LEU B 81 -2.22 -2.13 -23.65
N PRO B 82 -1.74 -1.30 -24.63
CA PRO B 82 -2.43 -1.37 -25.93
C PRO B 82 -2.55 -2.81 -26.42
N THR B 83 -1.55 -3.65 -26.13
CA THR B 83 -1.62 -5.07 -26.49
C THR B 83 -2.82 -5.83 -25.88
N GLN B 84 -3.35 -5.37 -24.77
CA GLN B 84 -4.59 -5.97 -24.29
C GLN B 84 -5.92 -5.30 -24.76
N LEU B 85 -5.88 -4.43 -25.77
CA LEU B 85 -7.12 -3.71 -26.15
C LEU B 85 -8.21 -4.69 -26.59
N ALA B 86 -7.86 -5.68 -27.39
CA ALA B 86 -8.87 -6.61 -27.87
C ALA B 86 -9.30 -7.49 -26.70
N ALA B 87 -8.33 -8.05 -25.96
CA ALA B 87 -8.68 -8.94 -24.87
C ALA B 87 -9.58 -8.20 -23.87
N PHE B 88 -9.26 -6.97 -23.55
CA PHE B 88 -10.10 -6.28 -22.60
C PHE B 88 -11.53 -6.09 -23.16
N THR B 89 -11.67 -5.73 -24.44
CA THR B 89 -12.98 -5.50 -25.04
C THR B 89 -13.80 -6.79 -25.08
N GLY B 90 -13.19 -7.87 -25.57
CA GLY B 90 -13.85 -9.16 -25.58
C GLY B 90 -14.24 -9.54 -24.16
N GLY B 91 -13.32 -9.31 -23.23
CA GLY B 91 -13.60 -9.43 -21.81
C GLY B 91 -14.90 -8.72 -21.39
N MET B 92 -15.08 -7.50 -21.87
CA MET B 92 -16.30 -6.73 -21.60
C MET B 92 -17.51 -7.34 -22.29
N LEU B 93 -17.30 -7.86 -23.49
CA LEU B 93 -18.35 -8.47 -24.28
C LEU B 93 -18.86 -9.78 -23.64
N SER B 94 -17.94 -10.65 -23.22
CA SER B 94 -18.31 -11.87 -22.49
C SER B 94 -19.06 -11.53 -21.21
N PHE B 95 -18.66 -10.47 -20.52
CA PHE B 95 -19.35 -10.12 -19.30
C PHE B 95 -20.78 -9.67 -19.59
N THR B 96 -20.96 -8.77 -20.55
CA THR B 96 -22.28 -8.22 -20.83
C THR B 96 -23.25 -9.30 -21.32
N ARG B 97 -22.74 -10.28 -22.08
CA ARG B 97 -23.48 -11.49 -22.47
C ARG B 97 -23.91 -12.27 -21.24
N ARG B 98 -22.94 -12.83 -20.53
CA ARG B 98 -23.16 -13.58 -19.28
C ARG B 98 -24.18 -12.93 -18.36
N GLU B 99 -23.97 -11.65 -18.05
CA GLU B 99 -24.78 -10.95 -17.07
C GLU B 99 -26.07 -10.36 -17.65
N LYS B 100 -26.33 -10.62 -18.93
CA LYS B 100 -27.56 -10.19 -19.59
C LYS B 100 -27.83 -8.69 -19.34
N VAL B 101 -26.84 -7.86 -19.66
CA VAL B 101 -26.90 -6.44 -19.33
C VAL B 101 -26.64 -5.52 -20.53
N THR B 102 -27.48 -4.50 -20.70
CA THR B 102 -27.26 -3.48 -21.73
C THR B 102 -27.23 -2.07 -21.13
N TYR B 103 -26.46 -1.19 -21.77
CA TYR B 103 -26.29 0.18 -21.33
C TYR B 103 -26.93 1.13 -22.31
N ASP B 104 -27.19 2.34 -21.86
CA ASP B 104 -27.74 3.37 -22.74
C ASP B 104 -26.62 4.25 -23.27
N LEU B 105 -25.48 4.22 -22.59
CA LEU B 105 -24.41 5.14 -22.87
C LEU B 105 -23.05 4.66 -22.33
N ILE B 106 -21.99 4.93 -23.08
CA ILE B 106 -20.65 4.66 -22.60
C ILE B 106 -19.94 5.99 -22.30
N HIS B 107 -19.35 6.10 -21.12
CA HIS B 107 -18.47 7.23 -20.84
C HIS B 107 -17.06 6.65 -20.60
N SER B 108 -16.12 7.02 -21.48
CA SER B 108 -14.78 6.49 -21.40
C SER B 108 -13.78 7.54 -20.92
N HIS B 109 -12.79 7.07 -20.17
CA HIS B 109 -11.74 7.94 -19.62
C HIS B 109 -10.38 7.50 -20.09
N TYR B 110 -9.69 8.41 -20.79
CA TYR B 110 -8.32 8.20 -21.29
C TYR B 110 -8.34 7.39 -22.59
N TRP B 111 -7.36 7.59 -23.46
CA TRP B 111 -7.46 7.05 -24.83
C TRP B 111 -7.65 5.55 -25.01
N LEU B 112 -6.95 4.76 -24.17
CA LEU B 112 -7.13 3.31 -24.18
C LEU B 112 -8.60 3.00 -24.00
N SER B 113 -9.19 3.62 -22.99
CA SER B 113 -10.60 3.38 -22.73
C SER B 113 -11.41 3.84 -23.92
N GLY B 114 -11.04 4.97 -24.49
CA GLY B 114 -11.80 5.52 -25.62
C GLY B 114 -11.84 4.58 -26.80
N GLN B 115 -10.69 4.06 -27.18
CA GLN B 115 -10.62 3.05 -28.22
C GLN B 115 -11.58 1.89 -27.93
N VAL B 116 -11.70 1.50 -26.66
CA VAL B 116 -12.59 0.41 -26.34
C VAL B 116 -14.01 0.85 -26.56
N GLY B 117 -14.37 1.99 -25.97
CA GLY B 117 -15.73 2.52 -26.04
C GLY B 117 -16.15 2.81 -27.47
N TRP B 118 -15.17 3.16 -28.30
CA TRP B 118 -15.46 3.47 -29.67
C TRP B 118 -15.97 2.22 -30.39
N LEU B 119 -15.37 1.08 -30.09
CA LEU B 119 -15.82 -0.19 -30.71
C LEU B 119 -17.24 -0.52 -30.22
N LEU B 120 -17.37 -0.50 -28.90
CA LEU B 120 -18.61 -0.82 -28.23
C LEU B 120 -19.77 0.08 -28.65
N ARG B 121 -19.52 1.37 -28.79
CA ARG B 121 -20.64 2.24 -29.11
C ARG B 121 -21.24 1.87 -30.48
N ASP B 122 -20.41 1.53 -31.45
CA ASP B 122 -20.89 1.06 -32.76
C ASP B 122 -21.58 -0.29 -32.67
N LEU B 123 -20.99 -1.21 -31.92
CA LEU B 123 -21.60 -2.52 -31.76
C LEU B 123 -22.96 -2.35 -31.10
N TRP B 124 -22.99 -1.71 -29.94
CA TRP B 124 -24.23 -1.59 -29.19
C TRP B 124 -25.20 -0.50 -29.65
N ARG B 125 -24.75 0.35 -30.58
CA ARG B 125 -25.55 1.47 -31.12
C ARG B 125 -26.04 2.40 -29.99
N ILE B 126 -25.09 2.87 -29.19
CA ILE B 126 -25.36 3.84 -28.14
C ILE B 126 -24.29 4.95 -28.20
N PRO B 127 -24.59 6.14 -27.65
CA PRO B 127 -23.57 7.19 -27.74
C PRO B 127 -22.34 6.94 -26.88
N LEU B 128 -21.22 7.53 -27.29
CA LEU B 128 -19.99 7.55 -26.52
C LEU B 128 -19.65 8.97 -26.07
N ILE B 129 -19.51 9.15 -24.76
CA ILE B 129 -18.99 10.36 -24.20
C ILE B 129 -17.54 10.01 -23.81
N HIS B 130 -16.57 10.84 -24.23
CA HIS B 130 -15.17 10.58 -23.94
C HIS B 130 -14.43 11.74 -23.31
N THR B 131 -13.70 11.45 -22.24
CA THR B 131 -12.87 12.42 -21.56
C THR B 131 -11.41 11.98 -21.70
N ALA B 132 -10.59 12.85 -22.27
CA ALA B 132 -9.18 12.55 -22.53
C ALA B 132 -8.33 12.53 -21.27
N HIS B 133 -8.64 13.45 -20.34
CA HIS B 133 -7.84 13.72 -19.12
C HIS B 133 -6.44 14.29 -19.37
N THR B 134 -5.61 13.59 -20.12
CA THR B 134 -4.35 14.15 -20.58
C THR B 134 -4.15 13.76 -22.02
N LEU B 135 -3.41 14.58 -22.77
CA LEU B 135 -3.21 14.36 -24.18
C LEU B 135 -1.74 14.33 -24.60
N ALA B 136 -1.43 13.41 -25.52
CA ALA B 136 -0.11 13.32 -26.12
C ALA B 136 0.39 14.67 -26.63
N ALA B 137 -0.39 15.33 -27.50
CA ALA B 137 0.04 16.54 -28.22
C ALA B 137 0.21 17.81 -27.34
N VAL B 138 -0.26 17.72 -26.10
CA VAL B 138 -0.11 18.76 -25.09
C VAL B 138 0.96 18.29 -24.10
N SER B 146 8.52 15.42 -25.72
CA SER B 146 9.22 14.43 -26.58
C SER B 146 8.33 13.48 -27.44
N ASP B 147 8.40 13.71 -28.77
CA ASP B 147 7.88 12.81 -29.83
C ASP B 147 8.69 11.47 -29.93
N THR B 148 8.01 10.37 -29.61
CA THR B 148 8.58 9.03 -29.66
C THR B 148 7.52 8.22 -30.41
N PRO B 149 7.89 7.08 -31.04
CA PRO B 149 6.81 6.37 -31.73
C PRO B 149 5.57 6.10 -30.87
N GLU B 150 5.79 5.70 -29.61
CA GLU B 150 4.66 5.42 -28.70
C GLU B 150 3.83 6.67 -28.44
N SER B 151 4.49 7.80 -28.31
CA SER B 151 3.79 9.05 -28.18
C SER B 151 2.97 9.40 -29.45
N GLU B 152 3.58 9.27 -30.63
CA GLU B 152 2.89 9.49 -31.89
C GLU B 152 1.69 8.57 -32.11
N ALA B 153 1.80 7.30 -31.68
CA ALA B 153 0.73 6.31 -31.84
C ALA B 153 -0.43 6.70 -30.95
N ARG B 154 -0.09 7.19 -29.77
CA ARG B 154 -1.07 7.73 -28.87
C ARG B 154 -1.83 8.95 -29.47
N ARG B 155 -1.18 9.97 -30.06
CA ARG B 155 -2.03 11.03 -30.60
C ARG B 155 -2.88 10.60 -31.75
N ILE B 156 -2.35 9.70 -32.59
CA ILE B 156 -3.15 9.15 -33.67
C ILE B 156 -4.41 8.54 -33.07
N CYS B 157 -4.27 7.85 -31.93
CA CYS B 157 -5.43 7.32 -31.21
C CYS B 157 -6.33 8.40 -30.67
N GLU B 158 -5.74 9.38 -29.97
CA GLU B 158 -6.51 10.47 -29.40
C GLU B 158 -7.28 11.21 -30.49
N GLN B 159 -6.65 11.35 -31.66
CA GLN B 159 -7.26 12.02 -32.79
C GLN B 159 -8.47 11.27 -33.29
N GLN B 160 -8.35 9.93 -33.39
CA GLN B 160 -9.46 9.07 -33.81
C GLN B 160 -10.65 9.31 -32.91
N LEU B 161 -10.39 9.35 -31.61
CA LEU B 161 -11.41 9.67 -30.59
C LEU B 161 -12.01 11.07 -30.74
N VAL B 162 -11.15 12.09 -30.85
CA VAL B 162 -11.59 13.46 -31.17
C VAL B 162 -12.57 13.45 -32.38
N ASP B 163 -12.27 12.64 -33.40
CA ASP B 163 -13.09 12.53 -34.62
C ASP B 163 -14.34 11.64 -34.57
N ASN B 164 -14.53 10.84 -33.53
CA ASN B 164 -15.60 9.84 -33.55
C ASN B 164 -16.48 9.82 -32.30
N ALA B 165 -15.98 10.40 -31.20
CA ALA B 165 -16.76 10.41 -29.98
C ALA B 165 -17.95 11.30 -30.20
N ASP B 166 -19.11 10.89 -29.68
CA ASP B 166 -20.31 11.73 -29.80
C ASP B 166 -20.10 13.03 -29.06
N VAL B 167 -19.64 12.95 -27.83
CA VAL B 167 -19.32 14.13 -27.05
C VAL B 167 -17.90 14.02 -26.46
N LEU B 168 -17.18 15.14 -26.57
CA LEU B 168 -15.86 15.26 -25.98
C LEU B 168 -15.98 16.07 -24.70
N ALA B 169 -16.14 15.38 -23.58
CA ALA B 169 -16.16 16.02 -22.28
C ALA B 169 -14.75 16.47 -21.85
N VAL B 170 -14.58 17.79 -21.65
CA VAL B 170 -13.30 18.35 -21.16
C VAL B 170 -13.54 19.16 -19.87
N ASN B 171 -12.48 19.42 -19.12
CA ASN B 171 -12.62 19.97 -17.77
C ASN B 171 -12.42 21.46 -17.67
N THR B 172 -11.84 22.07 -18.68
CA THR B 172 -11.63 23.52 -18.70
C THR B 172 -11.80 24.13 -20.10
N GLN B 173 -11.90 25.46 -20.15
CA GLN B 173 -11.88 26.16 -21.44
C GLN B 173 -10.54 25.97 -22.15
N GLU B 174 -9.45 26.04 -21.40
CA GLU B 174 -8.12 25.86 -21.98
C GLU B 174 -7.96 24.50 -22.67
N GLU B 175 -8.59 23.48 -22.08
CA GLU B 175 -8.60 22.14 -22.62
C GLU B 175 -9.34 22.08 -23.95
N MET B 176 -10.54 22.67 -24.02
CA MET B 176 -11.26 22.85 -25.28
C MET B 176 -10.40 23.50 -26.36
N GLN B 177 -9.65 24.53 -25.98
CA GLN B 177 -8.73 25.21 -26.90
C GLN B 177 -7.67 24.25 -27.42
N ASP B 178 -7.09 23.46 -26.51
CA ASP B 178 -6.07 22.46 -26.83
C ASP B 178 -6.60 21.48 -27.86
N LEU B 179 -7.86 21.07 -27.67
CA LEU B 179 -8.50 20.08 -28.52
C LEU B 179 -8.80 20.63 -29.91
N MET B 180 -9.12 21.92 -29.96
CA MET B 180 -9.38 22.60 -31.23
C MET B 180 -8.07 22.87 -31.97
N HIS B 181 -7.05 23.35 -31.25
CA HIS B 181 -5.75 23.64 -31.86
C HIS B 181 -4.92 22.38 -32.17
N HIS B 182 -4.76 21.50 -31.20
CA HIS B 182 -3.91 20.32 -31.40
C HIS B 182 -4.55 19.16 -32.16
N TYR B 183 -5.88 19.11 -32.17
CA TYR B 183 -6.59 17.95 -32.65
C TYR B 183 -7.69 18.27 -33.64
N ASP B 184 -7.81 19.54 -34.02
CA ASP B 184 -8.80 19.94 -35.02
C ASP B 184 -10.22 19.49 -34.64
N ALA B 185 -10.59 19.63 -33.38
CA ALA B 185 -11.90 19.19 -32.91
C ALA B 185 -13.04 20.12 -33.31
N ASP B 186 -14.22 19.53 -33.53
CA ASP B 186 -15.43 20.30 -33.81
C ASP B 186 -15.94 20.91 -32.52
N PRO B 187 -16.04 22.26 -32.45
CA PRO B 187 -16.41 22.84 -31.15
C PRO B 187 -17.80 22.39 -30.72
N ASP B 188 -18.65 22.09 -31.69
CA ASP B 188 -20.01 21.61 -31.44
C ASP B 188 -20.10 20.24 -30.78
N ARG B 189 -18.98 19.55 -30.68
CA ARG B 189 -18.95 18.25 -30.04
C ARG B 189 -18.29 18.33 -28.69
N ILE B 190 -17.69 19.48 -28.39
CA ILE B 190 -17.08 19.69 -27.08
C ILE B 190 -18.07 20.33 -26.11
N SER B 191 -18.09 19.85 -24.88
CA SER B 191 -18.75 20.61 -23.82
C SER B 191 -17.90 20.60 -22.57
N VAL B 192 -17.74 21.76 -21.97
CA VAL B 192 -16.92 21.91 -20.80
C VAL B 192 -17.71 21.41 -19.61
N VAL B 193 -17.08 20.57 -18.81
CA VAL B 193 -17.67 19.98 -17.62
C VAL B 193 -16.62 20.25 -16.56
N SER B 194 -16.89 21.23 -15.73
CA SER B 194 -15.96 21.67 -14.71
C SER B 194 -16.08 20.68 -13.58
N PRO B 195 -14.91 20.28 -13.04
CA PRO B 195 -14.80 19.21 -12.06
C PRO B 195 -15.01 19.71 -10.65
N GLY B 196 -14.52 18.95 -9.67
CA GLY B 196 -14.86 19.19 -8.28
C GLY B 196 -13.88 18.74 -7.23
N ALA B 197 -14.31 18.94 -5.98
CA ALA B 197 -13.65 18.42 -4.83
C ALA B 197 -14.73 18.02 -3.84
N ASP B 198 -14.42 17.07 -2.96
CA ASP B 198 -15.34 16.72 -1.90
C ASP B 198 -15.17 17.80 -0.85
N VAL B 199 -16.04 18.78 -0.95
CA VAL B 199 -15.80 20.04 -0.31
C VAL B 199 -16.26 20.05 1.16
N GLU B 200 -16.97 19.00 1.58
CA GLU B 200 -17.35 18.77 2.98
C GLU B 200 -16.26 18.06 3.74
N LEU B 201 -15.70 17.01 3.12
CA LEU B 201 -14.52 16.34 3.64
C LEU B 201 -13.32 17.28 3.72
N TYR B 202 -12.93 17.85 2.60
CA TYR B 202 -11.84 18.80 2.59
C TYR B 202 -12.41 20.12 3.03
N SER B 203 -12.29 20.40 4.32
CA SER B 203 -12.79 21.63 4.94
C SER B 203 -11.81 22.05 6.04
N PRO B 204 -11.85 23.34 6.47
CA PRO B 204 -10.80 23.87 7.35
C PRO B 204 -10.43 23.15 8.68
N GLY B 205 -11.31 22.52 9.43
CA GLY B 205 -12.72 22.63 9.41
C GLY B 205 -12.91 22.61 10.89
N ASN B 206 -12.75 23.77 11.54
CA ASN B 206 -12.76 23.92 13.01
C ASN B 206 -11.54 24.74 13.38
N ASP B 207 -11.65 25.59 14.41
CA ASP B 207 -10.54 26.54 14.72
C ASP B 207 -9.37 25.90 15.52
N ARG B 208 -9.61 24.69 16.08
CA ARG B 208 -8.58 23.92 16.75
C ARG B 208 -8.05 22.84 15.77
N ALA B 209 -8.65 22.74 14.59
CA ALA B 209 -8.43 21.61 13.69
C ALA B 209 -7.06 21.52 13.02
N THR B 210 -6.38 22.63 12.85
CA THR B 210 -5.03 22.58 12.24
C THR B 210 -4.07 21.98 13.26
N GLU B 211 -4.31 22.27 14.54
CA GLU B 211 -3.42 21.84 15.57
C GLU B 211 -3.68 20.38 15.95
N ARG B 212 -4.94 19.95 15.86
CA ARG B 212 -5.29 18.55 16.06
C ARG B 212 -4.59 17.66 15.01
N SER B 213 -4.51 18.16 13.77
CA SER B 213 -3.93 17.45 12.66
C SER B 213 -2.40 17.34 12.76
N ARG B 214 -1.77 18.34 13.37
CA ARG B 214 -0.33 18.35 13.47
C ARG B 214 0.04 17.37 14.55
N ARG B 215 -0.77 17.34 15.61
CA ARG B 215 -0.59 16.40 16.69
C ARG B 215 -0.63 14.97 16.09
N GLU B 216 -1.60 14.73 15.22
CA GLU B 216 -1.82 13.40 14.68
C GLU B 216 -0.75 12.95 13.68
N LEU B 217 -0.02 13.91 13.10
CA LEU B 217 1.05 13.59 12.17
C LEU B 217 2.44 13.83 12.80
N GLY B 218 2.48 14.08 14.09
CA GLY B 218 3.73 14.33 14.81
C GLY B 218 4.54 15.50 14.28
N ILE B 219 3.88 16.43 13.61
CA ILE B 219 4.51 17.67 13.15
C ILE B 219 4.56 18.65 14.33
N PRO B 220 5.71 19.35 14.53
CA PRO B 220 5.76 20.33 15.63
C PRO B 220 4.73 21.45 15.45
N LEU B 221 4.15 21.92 16.55
CA LEU B 221 3.07 22.91 16.49
C LEU B 221 3.53 24.27 15.99
N HIS B 222 4.75 24.64 16.38
CA HIS B 222 5.31 25.94 16.06
C HIS B 222 5.78 26.10 14.64
N THR B 223 6.44 25.13 14.04
CA THR B 223 6.98 25.36 12.71
C THR B 223 5.92 25.80 11.68
N LYS B 224 6.32 26.45 10.58
CA LYS B 224 5.48 26.64 9.39
C LYS B 224 5.69 25.42 8.49
N VAL B 225 4.61 24.92 7.85
CA VAL B 225 4.67 23.67 7.09
C VAL B 225 4.27 23.87 5.65
N VAL B 226 5.07 23.36 4.71
CA VAL B 226 4.66 23.30 3.28
C VAL B 226 4.39 21.84 2.87
N ALA B 227 3.36 21.63 2.07
CA ALA B 227 2.99 20.27 1.70
C ALA B 227 2.88 20.07 0.20
N PHE B 228 3.39 18.91 -0.25
CA PHE B 228 3.17 18.42 -1.61
C PHE B 228 2.26 17.19 -1.51
N VAL B 229 1.25 17.10 -2.37
CA VAL B 229 0.33 15.97 -2.35
C VAL B 229 0.19 15.46 -3.75
N GLY B 230 0.57 14.22 -4.00
CA GLY B 230 0.35 13.63 -5.31
C GLY B 230 1.40 12.60 -5.70
N ARG B 231 1.16 11.96 -6.82
CA ARG B 231 2.13 11.10 -7.45
C ARG B 231 3.48 11.78 -7.52
N LEU B 232 4.50 11.10 -7.04
CA LEU B 232 5.88 11.55 -7.15
C LEU B 232 6.52 11.22 -8.51
N GLN B 233 5.98 11.75 -9.59
CA GLN B 233 6.62 11.61 -10.90
C GLN B 233 7.29 12.94 -11.18
N PRO B 234 8.46 12.92 -11.85
CA PRO B 234 9.12 14.17 -12.22
C PRO B 234 8.21 15.27 -12.81
N PHE B 235 7.22 14.90 -13.63
CA PHE B 235 6.35 15.91 -14.26
C PHE B 235 5.46 16.66 -13.25
N LYS B 236 5.26 16.07 -12.07
CA LYS B 236 4.53 16.69 -10.97
C LYS B 236 5.44 17.61 -10.15
N GLY B 237 6.72 17.61 -10.50
CA GLY B 237 7.76 18.46 -9.91
C GLY B 237 7.95 18.49 -8.41
N PRO B 238 7.91 17.35 -7.70
CA PRO B 238 8.25 17.54 -6.30
C PRO B 238 9.72 17.91 -6.16
N GLN B 239 10.51 17.62 -7.19
CA GLN B 239 11.94 17.92 -7.18
C GLN B 239 12.13 19.42 -7.20
N VAL B 240 11.11 20.13 -7.68
CA VAL B 240 11.10 21.57 -7.69
C VAL B 240 10.86 22.09 -6.28
N LEU B 241 9.88 21.49 -5.58
CA LEU B 241 9.65 21.88 -4.18
C LEU B 241 10.93 21.68 -3.38
N ILE B 242 11.59 20.53 -3.56
CA ILE B 242 12.83 20.25 -2.82
C ILE B 242 13.97 21.23 -3.15
N LYS B 243 14.29 21.41 -4.44
CA LYS B 243 15.35 22.35 -4.82
C LYS B 243 15.06 23.76 -4.28
N ALA B 244 13.81 24.22 -4.43
CA ALA B 244 13.35 25.52 -3.88
C ALA B 244 13.52 25.61 -2.37
N VAL B 245 13.17 24.51 -1.70
CA VAL B 245 13.30 24.39 -0.25
C VAL B 245 14.76 24.51 0.14
N ALA B 246 15.64 23.88 -0.63
CA ALA B 246 17.06 23.94 -0.34
C ALA B 246 17.54 25.38 -0.44
N ALA B 247 16.99 26.10 -1.41
CA ALA B 247 17.37 27.48 -1.64
C ALA B 247 16.94 28.34 -0.45
N LEU B 248 15.77 28.07 0.11
CA LEU B 248 15.36 28.76 1.33
C LEU B 248 16.36 28.58 2.46
N PHE B 249 16.77 27.35 2.72
CA PHE B 249 17.74 27.12 3.79
C PHE B 249 19.14 27.66 3.47
N ASP B 250 19.44 27.91 2.20
CA ASP B 250 20.64 28.66 1.84
C ASP B 250 20.55 30.15 2.17
N ARG B 251 19.38 30.75 1.95
CA ARG B 251 19.16 32.16 2.29
C ARG B 251 19.17 32.35 3.80
N ASP B 252 18.54 31.41 4.50
CA ASP B 252 18.43 31.49 5.95
C ASP B 252 18.45 30.07 6.52
N PRO B 253 19.64 29.63 7.02
CA PRO B 253 19.87 28.27 7.51
C PRO B 253 18.88 27.85 8.57
N ASP B 254 18.52 28.76 9.46
CA ASP B 254 17.54 28.41 10.47
C ASP B 254 16.22 29.18 10.33
N ARG B 255 15.69 29.19 9.11
CA ARG B 255 14.29 29.47 8.87
C ARG B 255 13.44 28.36 9.50
N ASN B 256 12.31 28.76 10.08
CA ASN B 256 11.39 27.86 10.77
C ASN B 256 10.37 27.24 9.79
N LEU B 257 10.85 26.24 9.05
CA LEU B 257 10.14 25.61 7.93
C LEU B 257 10.26 24.09 8.02
N ARG B 258 9.14 23.41 7.82
CA ARG B 258 9.17 21.96 7.63
C ARG B 258 8.29 21.61 6.47
N VAL B 259 8.65 20.51 5.79
CA VAL B 259 7.97 20.05 4.57
C VAL B 259 7.38 18.65 4.72
N ILE B 260 6.24 18.45 4.09
CA ILE B 260 5.54 17.17 4.08
C ILE B 260 5.35 16.78 2.62
N ILE B 261 5.89 15.62 2.23
CA ILE B 261 5.70 15.12 0.86
C ILE B 261 4.90 13.84 0.92
N CYS B 262 3.64 13.95 0.50
CA CYS B 262 2.67 12.89 0.70
C CYS B 262 2.20 12.30 -0.62
N GLY B 263 2.82 11.19 -1.01
CA GLY B 263 2.58 10.52 -2.29
C GLY B 263 3.53 9.34 -2.48
N GLY B 264 3.28 8.52 -3.49
CA GLY B 264 4.07 7.31 -3.71
C GLY B 264 4.75 7.24 -5.06
N PRO B 265 5.60 6.22 -5.26
CA PRO B 265 6.55 6.11 -6.38
C PRO B 265 5.90 6.26 -7.76
N TYR B 275 13.94 10.88 -4.31
CA TYR B 275 13.63 12.18 -3.68
C TYR B 275 14.11 12.31 -2.24
N ARG B 276 13.89 11.27 -1.44
CA ARG B 276 14.54 11.20 -0.13
C ARG B 276 16.04 11.43 -0.37
N HIS B 277 16.52 10.81 -1.45
CA HIS B 277 17.90 10.89 -1.87
C HIS B 277 18.35 12.28 -2.33
N MET B 278 17.50 12.93 -3.13
CA MET B 278 17.77 14.29 -3.63
C MET B 278 17.85 15.30 -2.48
N ALA B 279 17.04 15.06 -1.45
CA ALA B 279 17.02 15.89 -0.25
C ALA B 279 18.38 15.87 0.45
N GLU B 280 18.90 14.68 0.77
CA GLU B 280 20.21 14.57 1.44
C GLU B 280 21.35 15.15 0.62
N GLU B 281 21.33 14.92 -0.69
CA GLU B 281 22.34 15.51 -1.57
C GLU B 281 22.40 17.01 -1.38
N LEU B 282 21.22 17.61 -1.27
CA LEU B 282 21.09 19.04 -1.02
C LEU B 282 21.11 19.42 0.47
N GLY B 283 21.27 18.40 1.33
CA GLY B 283 21.40 18.59 2.78
C GLY B 283 20.20 19.21 3.47
N VAL B 284 19.01 18.75 3.12
CA VAL B 284 17.77 19.21 3.74
C VAL B 284 16.82 18.07 4.13
N GLU B 285 17.34 16.82 4.20
CA GLU B 285 16.52 15.64 4.53
C GLU B 285 15.83 15.86 5.84
N LYS B 286 16.55 16.44 6.79
CA LYS B 286 16.05 16.64 8.14
C LYS B 286 14.78 17.50 8.20
N ARG B 287 14.56 18.35 7.19
CA ARG B 287 13.43 19.26 7.20
C ARG B 287 12.27 18.75 6.33
N ILE B 288 12.46 17.56 5.73
CA ILE B 288 11.47 16.97 4.82
C ILE B 288 10.99 15.59 5.30
N ARG B 289 9.69 15.34 5.23
CA ARG B 289 9.14 14.04 5.59
C ARG B 289 8.38 13.45 4.42
N PHE B 290 8.50 12.14 4.23
CA PHE B 290 7.79 11.48 3.14
C PHE B 290 6.67 10.71 3.81
N LEU B 291 5.44 10.94 3.37
CA LEU B 291 4.30 10.26 3.95
C LEU B 291 3.68 9.33 2.91
N ASP B 292 3.33 8.11 3.31
CA ASP B 292 2.69 7.19 2.40
C ASP B 292 1.37 7.75 1.93
N PRO B 293 0.97 7.41 0.70
CA PRO B 293 -0.36 7.82 0.26
C PRO B 293 -1.42 7.27 1.20
N ARG B 294 -2.58 7.93 1.25
CA ARG B 294 -3.59 7.60 2.22
C ARG B 294 -4.96 7.94 1.65
N PRO B 295 -6.04 7.33 2.20
CA PRO B 295 -7.37 7.65 1.73
C PRO B 295 -7.74 9.08 2.12
N PRO B 296 -8.73 9.67 1.42
CA PRO B 296 -9.06 11.08 1.63
C PRO B 296 -9.38 11.37 3.07
N SER B 297 -10.08 10.43 3.72
CA SER B 297 -10.50 10.65 5.10
C SER B 297 -9.29 10.95 5.98
N GLU B 298 -8.12 10.55 5.52
CA GLU B 298 -6.90 10.72 6.29
C GLU B 298 -6.05 11.82 5.71
N LEU B 299 -6.27 12.13 4.43
CA LEU B 299 -5.48 13.17 3.74
C LEU B 299 -5.82 14.57 4.26
N VAL B 300 -7.09 14.85 4.56
CA VAL B 300 -7.48 16.11 5.19
C VAL B 300 -6.45 16.63 6.20
N ALA B 301 -6.04 15.74 7.12
CA ALA B 301 -5.05 16.10 8.11
C ALA B 301 -3.88 16.84 7.45
N VAL B 302 -3.33 16.24 6.39
CA VAL B 302 -2.18 16.80 5.70
C VAL B 302 -2.48 18.22 5.26
N TYR B 303 -3.57 18.38 4.50
CA TYR B 303 -4.03 19.70 4.05
C TYR B 303 -4.25 20.64 5.23
N ARG B 304 -5.04 20.21 6.22
CA ARG B 304 -5.28 21.03 7.39
C ARG B 304 -4.02 21.37 8.14
N ALA B 305 -3.01 20.50 8.15
CA ALA B 305 -1.74 20.81 8.83
C ALA B 305 -0.85 21.82 8.08
N ALA B 306 -0.89 21.76 6.76
CA ALA B 306 -0.06 22.59 5.94
C ALA B 306 -0.41 24.09 6.03
N ASP B 307 0.61 24.94 6.05
CA ASP B 307 0.36 26.37 5.92
C ASP B 307 0.16 26.77 4.45
N ILE B 308 0.84 26.03 3.57
CA ILE B 308 0.82 26.28 2.13
C ILE B 308 0.92 24.92 1.45
N VAL B 309 0.21 24.72 0.35
CA VAL B 309 0.43 23.54 -0.50
C VAL B 309 1.10 23.99 -1.80
N ALA B 310 2.30 23.44 -2.05
CA ALA B 310 3.06 23.70 -3.27
C ALA B 310 2.67 22.69 -4.34
N VAL B 311 2.27 23.15 -5.51
CA VAL B 311 1.95 22.25 -6.61
C VAL B 311 2.66 22.67 -7.91
N PRO B 312 3.95 22.33 -8.00
CA PRO B 312 4.82 22.74 -9.09
C PRO B 312 4.75 21.83 -10.32
N SER B 313 3.53 21.54 -10.78
CA SER B 313 3.34 20.64 -11.90
C SER B 313 3.89 21.18 -13.21
N PHE B 314 4.35 20.28 -14.08
CA PHE B 314 4.78 20.63 -15.43
C PHE B 314 3.62 20.51 -16.42
N ASN B 315 2.84 19.44 -16.26
CA ASN B 315 1.62 19.20 -17.02
C ASN B 315 0.52 18.89 -16.03
N GLU B 316 -0.67 19.44 -16.27
CA GLU B 316 -1.70 19.38 -15.27
C GLU B 316 -3.11 19.40 -15.80
N SER B 317 -4.02 19.83 -14.95
CA SER B 317 -5.35 20.23 -15.34
C SER B 317 -6.22 19.13 -14.90
N PHE B 318 -7.35 19.46 -14.30
CA PHE B 318 -7.51 20.69 -13.56
CA PHE B 318 -7.49 20.69 -13.66
C PHE B 318 -6.32 20.85 -12.69
N GLY B 319 -6.50 20.76 -11.38
CA GLY B 319 -6.26 19.52 -10.69
C GLY B 319 -6.68 19.57 -9.24
N LEU B 320 -7.18 18.46 -8.72
CA LEU B 320 -7.92 18.50 -7.51
C LEU B 320 -7.04 18.68 -6.33
N VAL B 321 -5.77 18.44 -6.44
CA VAL B 321 -4.96 18.68 -5.28
C VAL B 321 -5.03 20.11 -4.89
N ALA B 322 -5.02 20.99 -5.88
CA ALA B 322 -5.17 22.41 -5.68
C ALA B 322 -6.58 22.70 -5.18
N MET B 323 -7.60 22.18 -5.88
CA MET B 323 -8.99 22.31 -5.45
CA MET B 323 -8.97 22.37 -5.42
C MET B 323 -9.14 21.86 -4.00
N GLU B 324 -8.63 20.66 -3.69
CA GLU B 324 -8.77 20.06 -2.36
C GLU B 324 -8.09 20.84 -1.26
N ALA B 325 -6.86 21.31 -1.53
CA ALA B 325 -6.14 22.16 -0.56
C ALA B 325 -6.92 23.45 -0.24
N GLN B 326 -7.54 24.05 -1.27
CA GLN B 326 -8.31 25.29 -1.12
C GLN B 326 -9.55 25.05 -0.26
N ALA B 327 -10.28 23.98 -0.60
CA ALA B 327 -11.45 23.55 0.15
C ALA B 327 -11.12 23.40 1.64
N SER B 328 -9.86 23.13 1.91
CA SER B 328 -9.35 22.82 3.23
C SER B 328 -8.97 24.04 4.01
N GLY B 329 -8.96 25.20 3.34
CA GLY B 329 -8.54 26.45 3.94
C GLY B 329 -7.04 26.68 3.83
N THR B 330 -6.40 26.05 2.86
CA THR B 330 -4.95 26.19 2.70
C THR B 330 -4.63 26.85 1.35
N PRO B 331 -3.92 27.99 1.38
CA PRO B 331 -3.51 28.60 0.12
C PRO B 331 -2.60 27.70 -0.67
N VAL B 332 -2.59 27.90 -1.99
CA VAL B 332 -1.80 27.12 -2.90
C VAL B 332 -0.82 28.00 -3.69
N ILE B 333 0.43 27.55 -3.77
CA ILE B 333 1.39 28.13 -4.71
C ILE B 333 1.53 27.09 -5.81
N ALA B 334 1.05 27.45 -7.01
CA ALA B 334 0.98 26.52 -8.14
C ALA B 334 1.65 27.09 -9.37
N ALA B 335 2.15 26.20 -10.24
CA ALA B 335 2.69 26.60 -11.55
C ALA B 335 1.59 27.13 -12.47
N ARG B 336 1.93 28.03 -13.37
CA ARG B 336 0.97 28.50 -14.34
C ARG B 336 0.85 27.48 -15.49
N VAL B 337 0.06 26.43 -15.28
CA VAL B 337 -0.18 25.38 -16.31
C VAL B 337 -1.47 24.55 -16.09
N GLY B 338 -2.02 24.03 -17.17
CA GLY B 338 -3.20 23.15 -17.10
C GLY B 338 -4.38 23.95 -16.56
N GLY B 339 -5.06 23.39 -15.57
CA GLY B 339 -6.22 24.04 -14.98
C GLY B 339 -5.91 24.92 -13.76
N LEU B 340 -4.67 24.82 -13.26
CA LEU B 340 -4.27 25.50 -12.02
C LEU B 340 -4.70 26.98 -11.92
N PRO B 341 -4.50 27.79 -12.99
CA PRO B 341 -4.96 29.19 -12.96
C PRO B 341 -6.47 29.35 -12.73
N ILE B 342 -7.23 28.31 -13.04
CA ILE B 342 -8.68 28.27 -12.79
C ILE B 342 -9.00 27.73 -11.39
N ALA B 343 -8.16 26.82 -10.90
CA ALA B 343 -8.39 26.22 -9.57
C ALA B 343 -7.89 27.12 -8.45
N VAL B 344 -7.02 28.07 -8.78
CA VAL B 344 -6.45 28.99 -7.80
C VAL B 344 -6.75 30.38 -8.26
N ALA B 345 -7.32 31.21 -7.39
CA ALA B 345 -7.55 32.64 -7.73
C ALA B 345 -6.30 33.45 -7.41
N GLU B 346 -5.47 33.61 -8.43
CA GLU B 346 -4.18 34.26 -8.31
C GLU B 346 -4.29 35.56 -7.52
N GLY B 347 -3.46 35.71 -6.49
CA GLY B 347 -3.47 36.97 -5.69
C GLY B 347 -4.50 36.96 -4.57
N GLU B 348 -5.54 36.14 -4.74
CA GLU B 348 -6.66 36.01 -3.81
C GLU B 348 -6.62 34.70 -2.92
N THR B 349 -6.43 33.53 -3.54
CA THR B 349 -6.38 32.28 -2.78
C THR B 349 -5.03 31.54 -2.83
N GLY B 350 -4.04 32.20 -3.41
CA GLY B 350 -2.69 31.67 -3.56
C GLY B 350 -1.93 32.42 -4.66
N LEU B 351 -0.77 31.87 -5.03
CA LEU B 351 0.09 32.47 -6.01
C LEU B 351 0.28 31.55 -7.19
N LEU B 352 0.57 32.13 -8.35
CA LEU B 352 0.93 31.38 -9.54
C LEU B 352 2.36 31.74 -9.94
N VAL B 353 3.19 30.72 -10.15
CA VAL B 353 4.58 30.92 -10.56
C VAL B 353 4.70 30.71 -12.08
N ASP B 354 5.62 31.42 -12.74
CA ASP B 354 5.93 31.09 -14.13
C ASP B 354 7.23 30.33 -14.18
N GLY B 355 7.21 29.14 -14.79
CA GLY B 355 8.39 28.28 -14.84
C GLY B 355 8.58 27.44 -13.58
N HIS B 356 9.75 26.84 -13.48
CA HIS B 356 10.02 25.91 -12.39
C HIS B 356 11.40 26.11 -11.81
N SER B 357 11.96 27.30 -12.05
CA SER B 357 13.19 27.75 -11.40
C SER B 357 13.05 27.63 -9.88
N PRO B 358 14.05 27.02 -9.23
CA PRO B 358 14.09 26.92 -7.76
C PRO B 358 14.06 28.28 -7.10
N HIS B 359 14.85 29.21 -7.63
CA HIS B 359 14.91 30.58 -7.13
C HIS B 359 13.52 31.27 -7.17
N ALA B 360 12.80 31.10 -8.29
CA ALA B 360 11.45 31.68 -8.43
C ALA B 360 10.53 31.08 -7.40
N TRP B 361 10.67 29.77 -7.19
CA TRP B 361 9.82 29.05 -6.24
C TRP B 361 10.11 29.39 -4.78
N ALA B 362 11.39 29.51 -4.42
CA ALA B 362 11.78 30.05 -3.12
C ALA B 362 11.16 31.43 -2.88
N ASP B 363 11.26 32.31 -3.88
CA ASP B 363 10.66 33.65 -3.82
C ASP B 363 9.17 33.61 -3.44
N ALA B 364 8.41 32.75 -4.12
CA ALA B 364 6.98 32.66 -3.88
C ALA B 364 6.74 32.11 -2.48
N LEU B 365 7.40 30.99 -2.15
CA LEU B 365 7.30 30.40 -0.83
C LEU B 365 7.66 31.39 0.29
N ALA B 366 8.82 32.02 0.18
CA ALA B 366 9.22 33.04 1.17
C ALA B 366 8.19 34.15 1.35
N THR B 367 7.59 34.62 0.25
CA THR B 367 6.66 35.72 0.44
C THR B 367 5.34 35.30 1.10
N LEU B 368 4.95 34.03 0.99
CA LEU B 368 3.76 33.62 1.74
C LEU B 368 4.09 33.18 3.16
N LEU B 369 5.27 32.62 3.35
CA LEU B 369 5.72 32.18 4.67
C LEU B 369 5.93 33.36 5.62
N ASP B 370 6.48 34.46 5.10
CA ASP B 370 6.88 35.61 5.95
C ASP B 370 5.81 36.68 6.10
N ASP B 371 4.71 36.49 5.40
CA ASP B 371 3.59 37.43 5.40
C ASP B 371 2.33 36.74 5.97
N ASP B 372 2.30 36.55 7.29
CA ASP B 372 1.18 35.87 7.94
C ASP B 372 -0.18 36.46 7.58
N GLU B 373 -0.25 37.78 7.55
CA GLU B 373 -1.53 38.46 7.37
C GLU B 373 -2.15 37.98 6.04
N THR B 374 -1.39 38.07 4.96
CA THR B 374 -1.83 37.63 3.64
C THR B 374 -2.17 36.12 3.51
N ARG B 375 -1.26 35.28 3.99
CA ARG B 375 -1.41 33.83 3.91
C ARG B 375 -2.71 33.40 4.58
N ILE B 376 -2.97 33.96 5.76
CA ILE B 376 -4.16 33.63 6.57
C ILE B 376 -5.45 34.07 5.88
N ARG B 377 -5.38 35.21 5.19
CA ARG B 377 -6.53 35.67 4.42
C ARG B 377 -6.74 34.81 3.16
N MET B 378 -5.65 34.45 2.48
CA MET B 378 -5.76 33.61 1.28
C MET B 378 -6.44 32.29 1.64
N GLY B 379 -5.97 31.69 2.73
CA GLY B 379 -6.56 30.49 3.30
C GLY B 379 -8.04 30.64 3.53
N GLU B 380 -8.42 31.75 4.16
CA GLU B 380 -9.81 32.03 4.50
C GLU B 380 -10.64 32.16 3.25
N ASP B 381 -10.12 32.90 2.27
CA ASP B 381 -10.82 33.07 1.00
C ASP B 381 -10.78 31.79 0.13
N ALA B 382 -9.79 30.92 0.38
CA ALA B 382 -9.69 29.70 -0.41
C ALA B 382 -10.98 28.86 -0.28
N VAL B 383 -11.59 28.90 0.90
CA VAL B 383 -12.77 28.07 1.20
C VAL B 383 -13.91 28.56 0.37
N GLU B 384 -14.10 29.87 0.38
CA GLU B 384 -15.12 30.54 -0.40
C GLU B 384 -15.00 30.23 -1.89
N HIS B 385 -13.78 30.31 -2.39
CA HIS B 385 -13.55 30.06 -3.79
C HIS B 385 -13.78 28.59 -4.16
N ALA B 386 -13.53 27.67 -3.23
CA ALA B 386 -13.68 26.24 -3.45
C ALA B 386 -15.12 25.75 -3.36
N ARG B 387 -15.98 26.56 -2.75
CA ARG B 387 -17.38 26.23 -2.53
C ARG B 387 -18.08 25.68 -3.77
N THR B 388 -17.62 26.13 -4.94
CA THR B 388 -18.44 26.06 -6.16
C THR B 388 -18.81 24.79 -7.01
N PHE B 389 -18.00 24.04 -7.79
CA PHE B 389 -16.57 23.70 -7.59
CA PHE B 389 -16.58 23.66 -7.63
C PHE B 389 -16.56 22.51 -6.62
N SER B 390 -17.41 21.52 -6.95
CA SER B 390 -17.77 20.36 -6.15
C SER B 390 -18.29 19.22 -7.06
N TRP B 391 -18.16 17.98 -6.57
CA TRP B 391 -18.53 16.78 -7.33
C TRP B 391 -20.01 16.64 -7.72
N ALA B 392 -20.92 17.14 -6.89
CA ALA B 392 -22.36 17.00 -7.15
C ALA B 392 -22.77 17.75 -8.42
N ALA B 393 -22.20 18.95 -8.56
CA ALA B 393 -22.45 19.82 -9.70
C ALA B 393 -21.86 19.21 -10.97
N THR B 394 -20.68 18.61 -10.84
CA THR B 394 -20.05 17.97 -11.98
C THR B 394 -20.96 16.85 -12.49
N ALA B 395 -21.42 16.02 -11.57
CA ALA B 395 -22.34 14.94 -11.93
C ALA B 395 -23.58 15.52 -12.60
N ALA B 396 -24.21 16.52 -11.96
CA ALA B 396 -25.38 17.22 -12.53
C ALA B 396 -25.14 17.63 -13.99
N GLN B 397 -24.01 18.27 -14.26
CA GLN B 397 -23.64 18.62 -15.64
C GLN B 397 -23.60 17.37 -16.52
N LEU B 398 -22.90 16.33 -16.06
CA LEU B 398 -22.79 15.07 -16.81
C LEU B 398 -24.16 14.46 -17.09
N SER B 399 -24.99 14.40 -16.06
CA SER B 399 -26.35 13.93 -16.22
C SER B 399 -27.12 14.59 -17.39
N SER B 400 -27.01 15.91 -17.54
CA SER B 400 -27.62 16.61 -18.69
C SER B 400 -27.03 16.10 -19.98
N LEU B 401 -25.70 16.04 -20.00
CA LEU B 401 -24.94 15.69 -21.18
C LEU B 401 -25.40 14.34 -21.69
N TYR B 402 -25.54 13.42 -20.74
CA TYR B 402 -25.98 12.04 -21.00
C TYR B 402 -27.36 12.04 -21.63
N ASN B 403 -28.31 12.70 -20.99
CA ASN B 403 -29.67 12.87 -21.51
C ASN B 403 -29.79 13.45 -22.92
N ASP B 404 -29.08 14.53 -23.21
CA ASP B 404 -29.04 15.06 -24.59
C ASP B 404 -28.44 14.03 -25.54
N ALA B 405 -27.31 13.43 -25.13
CA ALA B 405 -26.67 12.44 -25.97
C ALA B 405 -27.64 11.32 -26.32
N ILE B 406 -28.44 10.88 -25.36
CA ILE B 406 -29.44 9.83 -25.59
C ILE B 406 -30.55 10.31 -26.51
N ALA B 407 -31.07 11.51 -26.25
CA ALA B 407 -32.18 12.04 -27.04
C ALA B 407 -31.80 12.32 -28.50
N ASN B 408 -30.58 12.78 -28.73
CA ASN B 408 -30.12 13.16 -30.07
C ASN B 408 -29.62 12.00 -30.92
N GLU B 409 -29.93 10.78 -30.50
CA GLU B 409 -29.35 9.56 -31.07
C GLU B 409 -29.65 9.33 -32.56
#